data_3CPL
#
_entry.id   3CPL
#
_cell.length_a   57.710
_cell.length_b   69.700
_cell.length_c   72.380
_cell.angle_alpha   99.950
_cell.angle_beta   111.040
_cell.angle_gamma   110.480
#
_symmetry.space_group_name_H-M   'P 1'
#
loop_
_entity.id
_entity.type
_entity.pdbx_description
1 polymer 'H-2 class I histocompatibility antigen, D-B alpha chain'
2 polymer Beta-2-microglobulin
3 polymer 'NP366 peptide'
4 water water
#
loop_
_entity_poly.entity_id
_entity_poly.type
_entity_poly.pdbx_seq_one_letter_code
_entity_poly.pdbx_strand_id
1 'polypeptide(L)'
;GPHSMRYFETAVSRPGLEEPRYISVGYVDNKEFVRFDSDAENPRYEPRAPWMEQEGPEYWERETQKAKGQEQWFRVSLRN
LLGYYNQSAGGSHTLQQMSGCDLGSDWRLLRGYLQFAYEGRDYIALNEDLKTWTAADMAAQITRRKWEQSGAAEHYKAYL
EGECVEWLHRYLKNGNATLLRTDSPKAHVTHHPRSKGEVTLRCWALGFYPADITLTWQLNGEELTQDMELVETRPAGDGT
FQKWASVVVPLGKEQNYTCRVYHEGLPEPLTLRWE
;
A,C
2 'polypeptide(L)'
;IQKTPQIQVYSRHPPENGKPNILNCYVTQFHPPHIEIQMLKNGKKIPKVEMSDMSFSKDWSFYILAHTEFTPTETDTYAC
RVKHDSMAEPKTVYWDRDM
;
B,D
3 'polypeptide(L)' ASNENAETM E,F
#
# COMPACT_ATOMS: atom_id res chain seq x y z
N GLY A 1 -25.23 -5.10 19.29
CA GLY A 1 -25.56 -4.18 20.43
C GLY A 1 -25.29 -2.71 20.20
N PRO A 2 -24.04 -2.33 19.87
CA PRO A 2 -23.71 -0.91 19.74
C PRO A 2 -24.57 -0.16 18.73
N HIS A 3 -24.28 1.12 18.59
CA HIS A 3 -24.96 2.01 17.68
C HIS A 3 -23.97 3.11 17.51
N SER A 4 -24.08 3.84 16.40
CA SER A 4 -23.14 4.91 16.17
C SER A 4 -23.71 5.95 15.28
N MET A 5 -23.21 7.16 15.43
CA MET A 5 -23.44 8.19 14.43
C MET A 5 -22.09 8.57 13.89
N ARG A 6 -22.04 8.91 12.62
CA ARG A 6 -20.78 9.30 12.06
C ARG A 6 -21.05 10.27 10.93
N TYR A 7 -20.16 11.26 10.75
CA TYR A 7 -20.18 12.10 9.55
C TYR A 7 -18.94 11.96 8.67
N PHE A 8 -19.16 11.71 7.39
CA PHE A 8 -18.07 11.62 6.42
C PHE A 8 -18.09 12.85 5.55
N GLU A 9 -17.01 13.63 5.61
CA GLU A 9 -16.90 14.87 4.83
C GLU A 9 -15.68 14.86 3.94
N THR A 10 -15.88 15.26 2.69
CA THR A 10 -14.81 15.42 1.73
C THR A 10 -14.75 16.82 1.15
N ALA A 11 -13.53 17.31 0.94
CA ALA A 11 -13.33 18.49 0.17
C ALA A 11 -12.33 18.20 -0.95
N VAL A 12 -12.67 18.60 -2.17
CA VAL A 12 -11.76 18.45 -3.31
C VAL A 12 -11.36 19.77 -3.96
N SER A 13 -10.05 20.00 -4.07
CA SER A 13 -9.51 21.13 -4.80
C SER A 13 -9.97 21.09 -6.24
N ARG A 14 -10.24 22.28 -6.77
CA ARG A 14 -10.53 22.47 -8.19
C ARG A 14 -9.64 23.59 -8.77
N PRO A 15 -8.80 23.23 -9.76
CA PRO A 15 -7.72 24.07 -10.35
C PRO A 15 -8.21 25.44 -10.79
N GLY A 16 -7.59 26.49 -10.24
CA GLY A 16 -8.08 27.85 -10.45
C GLY A 16 -9.30 28.08 -9.59
N LEU A 17 -10.39 27.36 -9.91
CA LEU A 17 -11.70 27.46 -9.19
C LEU A 17 -11.58 27.91 -7.75
N GLU A 18 -11.67 29.23 -7.54
CA GLU A 18 -11.62 29.85 -6.20
C GLU A 18 -12.27 29.03 -5.04
N GLU A 19 -13.24 28.16 -5.36
CA GLU A 19 -13.84 27.28 -4.35
C GLU A 19 -13.75 25.78 -4.70
N PRO A 20 -13.53 24.92 -3.69
CA PRO A 20 -13.52 23.49 -3.87
C PRO A 20 -14.84 22.84 -3.53
N ARG A 21 -15.09 21.69 -4.15
CA ARG A 21 -16.23 20.85 -3.90
C ARG A 21 -16.16 20.34 -2.48
N TYR A 22 -17.26 20.42 -1.76
CA TYR A 22 -17.35 19.94 -0.40
C TYR A 22 -18.54 19.02 -0.27
N ILE A 23 -18.32 17.83 0.29
CA ILE A 23 -19.43 16.93 0.58
C ILE A 23 -19.47 16.43 2.01
N SER A 24 -20.68 16.38 2.57
CA SER A 24 -20.88 15.84 3.90
C SER A 24 -22.01 14.85 3.83
N VAL A 25 -21.83 13.71 4.48
CA VAL A 25 -22.79 12.63 4.48
C VAL A 25 -22.88 11.99 5.87
N GLY A 26 -24.06 11.97 6.47
CA GLY A 26 -24.20 11.40 7.83
C GLY A 26 -24.74 9.98 7.83
N TYR A 27 -24.25 9.18 8.77
CA TYR A 27 -24.61 7.79 8.89
C TYR A 27 -25.08 7.51 10.30
N VAL A 28 -26.19 6.80 10.42
CA VAL A 28 -26.58 6.22 11.68
C VAL A 28 -26.56 4.72 11.51
N ASP A 29 -25.68 4.03 12.22
CA ASP A 29 -25.57 2.60 12.05
C ASP A 29 -25.36 2.36 10.57
N ASN A 30 -24.28 2.91 10.04
CA ASN A 30 -23.86 2.68 8.67
C ASN A 30 -24.94 2.91 7.63
N LYS A 31 -26.07 3.46 8.04
CA LYS A 31 -27.11 3.84 7.12
C LYS A 31 -26.99 5.33 6.80
N GLU A 32 -27.03 5.71 5.52
CA GLU A 32 -26.97 7.14 5.15
C GLU A 32 -28.30 7.84 5.45
N PHE A 33 -28.28 8.93 6.20
CA PHE A 33 -29.53 9.62 6.60
C PHE A 33 -29.55 11.14 6.36
N VAL A 34 -28.39 11.75 6.11
CA VAL A 34 -28.34 13.12 5.62
C VAL A 34 -27.18 13.28 4.63
N ARG A 35 -27.28 14.30 3.75
CA ARG A 35 -26.23 14.61 2.79
C ARG A 35 -26.19 16.08 2.38
N PHE A 36 -25.01 16.70 2.40
CA PHE A 36 -24.88 18.08 1.88
C PHE A 36 -23.84 18.17 0.77
N ASP A 37 -24.17 18.85 -0.33
CA ASP A 37 -23.28 18.89 -1.52
C ASP A 37 -23.09 20.27 -2.16
N SER A 38 -21.87 20.80 -2.10
CA SER A 38 -21.51 22.07 -2.76
C SER A 38 -22.09 22.24 -4.15
N ASP A 39 -22.03 21.18 -4.95
CA ASP A 39 -22.31 21.29 -6.38
C ASP A 39 -23.78 21.43 -6.69
N ALA A 40 -24.64 21.16 -5.71
CA ALA A 40 -26.07 21.32 -5.90
C ALA A 40 -26.39 22.75 -6.33
N GLU A 41 -27.47 22.87 -7.10
CA GLU A 41 -28.00 24.17 -7.56
C GLU A 41 -28.29 25.07 -6.37
N ASN A 42 -28.96 24.53 -5.36
CA ASN A 42 -29.21 25.24 -4.11
C ASN A 42 -28.79 24.30 -2.97
N PRO A 43 -27.50 24.33 -2.62
CA PRO A 43 -26.91 23.33 -1.74
C PRO A 43 -27.38 23.48 -0.31
N ARG A 44 -27.85 22.37 0.26
CA ARG A 44 -28.16 22.29 1.68
C ARG A 44 -28.22 20.86 2.11
N TYR A 45 -28.24 20.65 3.41
CA TYR A 45 -28.38 19.33 3.93
C TYR A 45 -29.72 18.81 3.51
N GLU A 46 -29.81 17.52 3.21
CA GLU A 46 -30.98 16.95 2.55
C GLU A 46 -31.27 15.57 3.15
N PRO A 47 -32.54 15.30 3.49
CA PRO A 47 -32.84 14.02 4.13
C PRO A 47 -32.49 12.87 3.21
N ARG A 48 -32.04 11.74 3.76
CA ARG A 48 -31.74 10.55 2.96
C ARG A 48 -32.09 9.25 3.65
N ALA A 49 -32.82 9.34 4.75
CA ALA A 49 -33.58 8.19 5.26
C ALA A 49 -34.98 8.75 5.49
N PRO A 50 -36.01 7.88 5.45
CA PRO A 50 -37.40 8.30 5.67
C PRO A 50 -37.57 9.11 6.96
N TRP A 51 -37.00 8.58 8.04
CA TRP A 51 -37.24 9.11 9.36
C TRP A 51 -36.63 10.48 9.64
N MET A 52 -35.93 11.05 8.69
CA MET A 52 -35.41 12.42 8.86
C MET A 52 -36.39 13.44 8.30
N GLU A 53 -37.49 12.95 7.75
CA GLU A 53 -38.47 13.80 7.12
C GLU A 53 -39.29 14.56 8.16
N GLN A 54 -39.27 14.09 9.40
CA GLN A 54 -39.91 14.85 10.46
C GLN A 54 -39.22 16.20 10.72
N GLU A 55 -37.97 16.17 11.15
CA GLU A 55 -37.24 17.41 11.46
C GLU A 55 -37.72 18.60 10.61
N GLY A 56 -38.20 19.64 11.27
CA GLY A 56 -38.75 20.81 10.57
C GLY A 56 -37.67 21.65 9.93
N PRO A 57 -38.07 22.78 9.30
CA PRO A 57 -37.16 23.66 8.56
C PRO A 57 -36.11 24.31 9.45
N GLU A 58 -36.33 24.29 10.76
CA GLU A 58 -35.36 24.90 11.68
C GLU A 58 -34.02 24.14 11.62
N TYR A 59 -34.12 22.82 11.61
CA TYR A 59 -33.01 21.94 11.62
C TYR A 59 -32.18 22.03 10.35
N TRP A 60 -32.84 22.05 9.19
CA TRP A 60 -32.09 21.92 7.93
C TRP A 60 -31.29 23.20 7.71
N GLU A 61 -31.81 24.30 8.23
CA GLU A 61 -31.16 25.59 8.00
C GLU A 61 -29.90 25.65 8.86
N ARG A 62 -30.04 25.22 10.12
CA ARG A 62 -28.90 25.19 11.03
C ARG A 62 -27.84 24.25 10.52
N GLU A 63 -28.26 23.08 10.06
CA GLU A 63 -27.28 22.10 9.61
C GLU A 63 -26.62 22.62 8.34
N THR A 64 -27.37 23.36 7.56
CA THR A 64 -26.85 23.97 6.35
C THR A 64 -25.85 25.08 6.69
N GLN A 65 -26.20 25.90 7.67
N GLN A 65 -26.19 25.92 7.66
CA GLN A 65 -25.32 26.97 8.15
CA GLN A 65 -25.25 26.99 8.07
C GLN A 65 -23.96 26.38 8.54
C GLN A 65 -23.93 26.38 8.53
N LYS A 66 -24.00 25.22 9.17
CA LYS A 66 -22.79 24.50 9.57
C LYS A 66 -21.93 24.06 8.38
N ALA A 67 -22.56 23.58 7.33
CA ALA A 67 -21.80 23.15 6.16
C ALA A 67 -21.10 24.37 5.56
N LYS A 68 -21.82 25.47 5.41
CA LYS A 68 -21.19 26.69 4.92
C LYS A 68 -19.87 26.92 5.66
N GLY A 69 -19.90 26.81 6.99
CA GLY A 69 -18.70 26.93 7.80
C GLY A 69 -17.64 25.89 7.45
N GLN A 70 -18.05 24.64 7.32
CA GLN A 70 -17.09 23.54 7.03
C GLN A 70 -16.37 23.75 5.70
N GLU A 71 -17.14 24.12 4.69
CA GLU A 71 -16.62 24.55 3.38
C GLU A 71 -15.39 25.46 3.52
N GLN A 72 -15.52 26.53 4.31
CA GLN A 72 -14.43 27.45 4.49
C GLN A 72 -13.32 26.79 5.24
N TRP A 73 -13.67 26.02 6.26
CA TRP A 73 -12.68 25.35 7.06
C TRP A 73 -11.82 24.51 6.15
N PHE A 74 -12.48 23.81 5.24
CA PHE A 74 -11.77 22.93 4.31
C PHE A 74 -11.09 23.69 3.19
N ARG A 75 -11.71 24.77 2.71
CA ARG A 75 -11.04 25.62 1.73
C ARG A 75 -9.71 26.06 2.31
N VAL A 76 -9.70 26.52 3.55
CA VAL A 76 -8.45 26.95 4.18
C VAL A 76 -7.48 25.83 4.52
N SER A 77 -7.92 24.81 5.23
CA SER A 77 -6.97 23.74 5.57
C SER A 77 -6.29 23.17 4.32
N LEU A 78 -7.11 23.01 3.28
CA LEU A 78 -6.69 22.50 1.99
C LEU A 78 -5.55 23.34 1.49
N ARG A 79 -5.69 24.66 1.64
CA ARG A 79 -4.65 25.59 1.24
C ARG A 79 -3.42 25.51 2.17
N ASN A 80 -3.66 25.29 3.45
CA ASN A 80 -2.51 25.18 4.33
C ASN A 80 -1.71 23.91 4.06
N LEU A 81 -2.36 22.83 3.67
CA LEU A 81 -1.65 21.59 3.42
C LEU A 81 -0.74 21.67 2.18
N LEU A 82 -1.19 22.42 1.17
CA LEU A 82 -0.42 22.75 -0.03
C LEU A 82 0.96 23.14 0.35
N GLY A 83 1.04 24.02 1.35
CA GLY A 83 2.30 24.52 1.86
C GLY A 83 3.06 23.44 2.61
N TYR A 84 2.37 22.68 3.44
CA TYR A 84 3.09 21.71 4.25
C TYR A 84 3.74 20.71 3.33
N TYR A 85 3.09 20.46 2.21
CA TYR A 85 3.56 19.45 1.29
C TYR A 85 4.22 20.01 0.04
N ASN A 86 4.42 21.32 0.00
CA ASN A 86 5.14 21.91 -1.11
C ASN A 86 4.45 21.70 -2.45
N GLN A 87 3.14 21.52 -2.38
CA GLN A 87 2.32 21.33 -3.56
C GLN A 87 1.94 22.70 -4.10
N SER A 88 1.85 22.85 -5.41
CA SER A 88 1.44 24.14 -5.94
C SER A 88 -0.07 24.17 -6.12
N ALA A 89 -0.58 25.35 -6.47
CA ALA A 89 -1.97 25.50 -6.89
C ALA A 89 -2.13 24.92 -8.29
N GLY A 90 -3.35 24.93 -8.82
CA GLY A 90 -3.60 24.31 -10.12
C GLY A 90 -3.52 22.77 -10.08
N GLY A 91 -3.57 22.21 -8.87
CA GLY A 91 -3.61 20.77 -8.73
C GLY A 91 -4.90 20.30 -8.07
N SER A 92 -5.18 19.01 -8.20
CA SER A 92 -6.31 18.44 -7.51
C SER A 92 -5.85 17.85 -6.18
N HIS A 93 -6.57 18.17 -5.11
CA HIS A 93 -6.25 17.62 -3.80
C HIS A 93 -7.49 17.24 -2.99
N THR A 94 -7.35 16.24 -2.13
CA THR A 94 -8.49 15.75 -1.41
C THR A 94 -8.26 15.76 0.08
N LEU A 95 -9.24 16.25 0.82
CA LEU A 95 -9.20 16.27 2.25
C LEU A 95 -10.45 15.52 2.68
N GLN A 96 -10.31 14.53 3.55
CA GLN A 96 -11.45 13.77 4.03
C GLN A 96 -11.54 13.75 5.55
N GLN A 97 -12.75 13.71 6.09
CA GLN A 97 -12.94 13.71 7.55
C GLN A 97 -13.92 12.62 7.99
N MET A 98 -13.59 11.88 9.03
CA MET A 98 -14.56 10.97 9.65
C MET A 98 -14.67 11.31 11.13
N SER A 99 -15.88 11.62 11.58
CA SER A 99 -16.07 12.00 12.98
C SER A 99 -17.40 11.53 13.48
N GLY A 100 -17.46 11.23 14.77
CA GLY A 100 -18.73 10.86 15.42
C GLY A 100 -18.54 9.94 16.62
N CYS A 101 -19.66 9.45 17.14
CA CYS A 101 -19.62 8.77 18.43
C CYS A 101 -20.23 7.39 18.40
N ASP A 102 -19.68 6.51 19.22
CA ASP A 102 -20.19 5.15 19.37
C ASP A 102 -20.89 5.00 20.69
N LEU A 103 -22.13 4.51 20.66
CA LEU A 103 -22.84 4.17 21.89
C LEU A 103 -22.69 2.68 22.19
N GLY A 104 -22.35 2.36 23.43
CA GLY A 104 -22.24 0.96 23.88
C GLY A 104 -23.59 0.28 24.14
N SER A 105 -23.51 -0.96 24.62
CA SER A 105 -24.67 -1.80 24.86
C SER A 105 -25.63 -1.14 25.84
N ASP A 106 -25.08 -0.47 26.84
N ASP A 106 -25.07 -0.37 26.77
CA ASP A 106 -25.94 0.18 27.83
CA ASP A 106 -25.84 0.38 27.76
C ASP A 106 -26.06 1.68 27.57
C ASP A 106 -26.47 1.67 27.21
N TRP A 107 -26.28 1.99 26.29
N TRP A 107 -26.00 2.14 26.06
CA TRP A 107 -26.61 3.33 25.82
CA TRP A 107 -26.52 3.40 25.58
C TRP A 107 -25.84 4.49 26.47
C TRP A 107 -25.58 4.55 25.84
N ARG A 108 -24.54 4.29 26.63
CA ARG A 108 -23.63 5.35 27.02
C ARG A 108 -22.55 5.42 25.94
N LEU A 109 -21.95 6.60 25.81
CA LEU A 109 -20.84 6.81 24.90
C LEU A 109 -19.73 5.78 25.11
N LEU A 110 -19.36 5.08 24.06
CA LEU A 110 -18.40 4.00 24.18
C LEU A 110 -17.05 4.47 23.68
N ARG A 111 -17.08 5.33 22.68
CA ARG A 111 -15.91 6.13 22.33
C ARG A 111 -16.23 7.17 21.27
N GLY A 112 -15.34 8.15 21.10
CA GLY A 112 -15.51 9.16 20.07
C GLY A 112 -14.49 8.99 18.95
N TYR A 113 -14.76 9.60 17.80
CA TYR A 113 -13.88 9.50 16.65
C TYR A 113 -13.76 10.83 16.01
N LEU A 114 -12.55 11.13 15.57
CA LEU A 114 -12.27 12.24 14.71
C LEU A 114 -10.98 11.83 14.03
N GLN A 115 -11.11 11.47 12.76
CA GLN A 115 -9.98 11.10 11.92
C GLN A 115 -9.90 12.07 10.75
N PHE A 116 -8.70 12.31 10.27
CA PHE A 116 -8.51 13.07 9.02
C PHE A 116 -7.63 12.32 8.06
N ALA A 117 -7.88 12.53 6.77
CA ALA A 117 -7.05 11.97 5.74
C ALA A 117 -6.71 13.01 4.66
N TYR A 118 -5.44 13.04 4.25
CA TYR A 118 -5.04 13.88 3.15
C TYR A 118 -4.58 13.01 2.00
N GLU A 119 -5.10 13.29 0.79
CA GLU A 119 -4.82 12.52 -0.42
C GLU A 119 -4.99 11.02 -0.17
N GLY A 120 -5.99 10.67 0.63
CA GLY A 120 -6.35 9.27 0.83
C GLY A 120 -5.51 8.55 1.87
N ARG A 121 -4.57 9.27 2.49
CA ARG A 121 -3.71 8.71 3.53
C ARG A 121 -4.06 9.30 4.89
N ASP A 122 -4.04 8.45 5.92
CA ASP A 122 -4.24 8.89 7.29
C ASP A 122 -3.35 10.10 7.49
N TYR A 123 -3.87 11.13 8.16
CA TYR A 123 -3.10 12.35 8.41
C TYR A 123 -3.03 12.56 9.89
N ILE A 124 -4.19 12.82 10.48
CA ILE A 124 -4.26 13.09 11.90
C ILE A 124 -5.57 12.55 12.52
N ALA A 125 -5.43 12.02 13.73
CA ALA A 125 -6.54 11.44 14.44
C ALA A 125 -6.54 11.86 15.92
N LEU A 126 -7.71 12.10 16.47
CA LEU A 126 -7.86 12.28 17.91
C LEU A 126 -7.79 10.91 18.58
N ASN A 127 -6.94 10.74 19.60
CA ASN A 127 -6.83 9.45 20.31
C ASN A 127 -8.10 9.23 21.13
N GLU A 128 -8.25 8.04 21.72
CA GLU A 128 -9.47 7.71 22.50
C GLU A 128 -9.70 8.60 23.73
N ASP A 129 -8.65 9.21 24.26
CA ASP A 129 -8.84 10.06 25.44
C ASP A 129 -9.47 11.41 25.05
N LEU A 130 -9.64 11.62 23.75
CA LEU A 130 -10.24 12.85 23.26
C LEU A 130 -9.55 14.10 23.82
N LYS A 131 -8.25 13.99 24.08
CA LYS A 131 -7.45 15.16 24.48
C LYS A 131 -6.17 15.28 23.67
N THR A 132 -5.70 14.15 23.15
CA THR A 132 -4.40 14.09 22.49
C THR A 132 -4.47 13.44 21.11
N TRP A 133 -3.53 13.81 20.24
CA TRP A 133 -3.57 13.41 18.86
C TRP A 133 -2.49 12.42 18.41
N THR A 134 -2.85 11.61 17.42
CA THR A 134 -1.89 10.83 16.67
C THR A 134 -1.75 11.49 15.31
N ALA A 135 -0.53 11.88 14.96
CA ALA A 135 -0.28 12.43 13.64
C ALA A 135 0.38 11.36 12.79
N ALA A 136 0.08 11.32 11.50
CA ALA A 136 0.46 10.16 10.68
C ALA A 136 1.92 10.19 10.28
N ASP A 137 2.43 11.40 10.08
CA ASP A 137 3.75 11.60 9.51
C ASP A 137 4.32 12.95 9.93
N MET A 138 5.54 13.24 9.48
CA MET A 138 6.22 14.52 9.75
C MET A 138 5.31 15.70 9.54
N ALA A 139 4.78 15.83 8.33
CA ALA A 139 3.94 16.99 7.98
C ALA A 139 2.75 17.19 8.92
N ALA A 140 2.14 16.07 9.34
CA ALA A 140 1.07 16.10 10.32
C ALA A 140 1.49 16.74 11.68
N GLN A 141 2.77 16.71 11.97
CA GLN A 141 3.28 17.40 13.17
C GLN A 141 2.88 18.87 13.19
N ILE A 142 3.10 19.55 12.08
CA ILE A 142 2.80 20.96 12.01
C ILE A 142 1.35 21.21 12.43
N THR A 143 0.45 20.31 12.10
CA THR A 143 -0.93 20.41 12.59
C THR A 143 -1.11 19.92 14.07
N ARG A 144 -0.47 18.81 14.43
N ARG A 144 -0.46 18.82 14.45
CA ARG A 144 -0.53 18.29 15.80
CA ARG A 144 -0.53 18.27 15.80
C ARG A 144 -0.11 19.37 16.77
C ARG A 144 -0.05 19.30 16.83
N ARG A 145 1.04 19.99 16.52
CA ARG A 145 1.54 21.05 17.41
C ARG A 145 0.56 22.20 17.49
N LYS A 146 0.14 22.70 16.34
CA LYS A 146 -0.78 23.82 16.32
C LYS A 146 -2.07 23.52 17.08
N TRP A 147 -2.54 22.28 16.97
CA TRP A 147 -3.81 21.90 17.60
C TRP A 147 -3.67 21.68 19.09
N GLU A 148 -2.54 21.06 19.48
CA GLU A 148 -2.12 20.97 20.89
C GLU A 148 -2.04 22.35 21.51
N GLN A 149 -1.44 23.31 20.80
CA GLN A 149 -1.23 24.62 21.36
C GLN A 149 -2.55 25.40 21.47
N SER A 150 -3.50 25.08 20.59
CA SER A 150 -4.80 25.77 20.61
C SER A 150 -5.78 25.06 21.53
N GLY A 151 -5.36 23.88 22.00
CA GLY A 151 -6.22 22.96 22.73
C GLY A 151 -7.48 22.71 21.93
N ALA A 152 -7.31 22.46 20.64
CA ALA A 152 -8.43 22.23 19.75
C ALA A 152 -9.23 21.01 20.17
N ALA A 153 -8.55 19.99 20.70
CA ALA A 153 -9.23 18.77 21.15
C ALA A 153 -10.39 19.02 22.10
N GLU A 154 -10.25 19.93 23.06
CA GLU A 154 -11.36 20.26 23.97
C GLU A 154 -12.66 20.51 23.20
N HIS A 155 -12.59 21.17 22.05
CA HIS A 155 -13.80 21.46 21.34
C HIS A 155 -14.48 20.18 20.78
N TYR A 156 -13.72 19.32 20.13
CA TYR A 156 -14.29 18.06 19.63
C TYR A 156 -14.81 17.19 20.77
N LYS A 157 -14.03 17.11 21.84
CA LYS A 157 -14.44 16.38 23.02
C LYS A 157 -15.87 16.75 23.44
N ALA A 158 -16.12 18.05 23.57
CA ALA A 158 -17.44 18.50 23.93
C ALA A 158 -18.52 17.98 22.95
N TYR A 159 -18.30 18.13 21.64
CA TYR A 159 -19.24 17.64 20.62
C TYR A 159 -19.45 16.14 20.75
N LEU A 160 -18.35 15.39 20.73
CA LEU A 160 -18.42 13.97 20.84
C LEU A 160 -19.18 13.46 22.06
N GLU A 161 -19.01 14.12 23.20
CA GLU A 161 -19.68 13.64 24.40
C GLU A 161 -21.03 14.30 24.63
N GLY A 162 -21.27 15.41 23.95
CA GLY A 162 -22.52 16.14 24.15
C GLY A 162 -23.49 15.95 23.01
N GLU A 163 -23.55 16.96 22.15
CA GLU A 163 -24.41 16.96 20.98
C GLU A 163 -24.45 15.63 20.20
N CYS A 164 -23.30 15.04 19.90
CA CYS A 164 -23.25 13.79 19.13
C CYS A 164 -24.11 12.77 19.79
N VAL A 165 -23.92 12.63 21.09
CA VAL A 165 -24.61 11.64 21.91
C VAL A 165 -26.10 11.89 21.92
N GLU A 166 -26.50 13.15 21.94
CA GLU A 166 -27.89 13.45 22.15
C GLU A 166 -28.67 13.34 20.87
N TRP A 167 -28.02 13.58 19.75
CA TRP A 167 -28.74 13.51 18.50
C TRP A 167 -28.89 12.07 18.05
N LEU A 168 -27.83 11.28 18.24
CA LEU A 168 -27.94 9.86 17.98
C LEU A 168 -29.18 9.32 18.73
N HIS A 169 -29.27 9.57 20.04
CA HIS A 169 -30.47 9.14 20.78
C HIS A 169 -31.72 9.58 20.07
N ARG A 170 -31.73 10.82 19.61
CA ARG A 170 -32.89 11.42 18.98
C ARG A 170 -33.28 10.69 17.70
N TYR A 171 -32.33 10.51 16.78
CA TYR A 171 -32.57 9.76 15.56
C TYR A 171 -32.89 8.29 15.80
N LEU A 172 -32.27 7.69 16.82
CA LEU A 172 -32.49 6.26 17.08
C LEU A 172 -33.91 6.08 17.53
N LYS A 173 -34.48 7.17 18.05
CA LYS A 173 -35.84 7.15 18.55
C LYS A 173 -36.78 7.24 17.37
N ASN A 174 -36.41 8.06 16.39
CA ASN A 174 -37.20 8.25 15.18
C ASN A 174 -37.06 7.14 14.14
N GLY A 175 -35.97 6.38 14.19
CA GLY A 175 -35.71 5.39 13.17
C GLY A 175 -35.38 4.01 13.72
N ASN A 176 -35.83 3.73 14.94
CA ASN A 176 -35.47 2.49 15.64
C ASN A 176 -35.79 1.23 14.86
N ALA A 177 -37.08 1.10 14.53
CA ALA A 177 -37.59 -0.08 13.88
C ALA A 177 -37.11 -0.17 12.43
N THR A 178 -37.00 0.98 11.78
CA THR A 178 -36.52 1.00 10.41
C THR A 178 -35.07 0.49 10.32
N LEU A 179 -34.24 0.86 11.29
CA LEU A 179 -32.83 0.46 11.28
C LEU A 179 -32.62 -1.02 11.52
N LEU A 180 -33.39 -1.62 12.43
CA LEU A 180 -33.27 -3.05 12.75
C LEU A 180 -33.72 -3.98 11.62
N ARG A 181 -34.33 -3.43 10.58
CA ARG A 181 -34.96 -4.20 9.49
C ARG A 181 -34.07 -5.22 8.75
N THR A 182 -34.61 -6.41 8.48
CA THR A 182 -33.92 -7.39 7.64
C THR A 182 -34.68 -7.78 6.36
N ASP A 183 -33.90 -7.95 5.29
CA ASP A 183 -34.38 -8.52 4.06
C ASP A 183 -33.60 -9.81 3.90
N SER A 184 -34.33 -10.92 3.83
CA SER A 184 -33.70 -12.22 3.84
C SER A 184 -33.23 -12.57 2.43
N PRO A 185 -32.08 -13.22 2.33
CA PRO A 185 -31.58 -13.58 1.01
C PRO A 185 -32.49 -14.55 0.31
N LYS A 186 -32.58 -14.41 -1.00
CA LYS A 186 -33.19 -15.42 -1.85
C LYS A 186 -32.10 -16.11 -2.69
N ALA A 187 -31.98 -17.41 -2.51
CA ALA A 187 -30.89 -18.21 -3.06
C ALA A 187 -31.30 -19.08 -4.23
N HIS A 188 -30.31 -19.50 -5.01
CA HIS A 188 -30.47 -20.51 -6.03
C HIS A 188 -29.09 -20.84 -6.59
N VAL A 189 -28.95 -22.04 -7.15
CA VAL A 189 -27.68 -22.52 -7.65
C VAL A 189 -27.74 -22.68 -9.17
N THR A 190 -26.71 -22.22 -9.87
CA THR A 190 -26.66 -22.44 -11.31
C THR A 190 -25.60 -23.44 -11.72
N HIS A 191 -25.72 -23.95 -12.94
CA HIS A 191 -24.81 -24.97 -13.43
C HIS A 191 -24.17 -24.47 -14.73
N HIS A 192 -22.85 -24.31 -14.72
CA HIS A 192 -22.13 -23.94 -15.94
C HIS A 192 -21.02 -24.90 -16.31
N PRO A 193 -20.96 -25.24 -17.61
CA PRO A 193 -19.96 -26.12 -18.17
C PRO A 193 -18.61 -25.49 -17.93
N ARG A 194 -17.57 -26.30 -17.76
CA ARG A 194 -16.22 -25.75 -17.53
C ARG A 194 -15.18 -26.36 -18.47
N SER A 195 -14.97 -27.68 -18.34
CA SER A 195 -14.03 -28.41 -19.20
C SER A 195 -14.25 -29.92 -19.13
N LYS A 196 -13.18 -30.67 -19.36
CA LYS A 196 -13.28 -32.13 -19.39
C LYS A 196 -13.83 -32.68 -18.07
N GLY A 197 -15.15 -32.86 -18.02
CA GLY A 197 -15.79 -33.45 -16.85
C GLY A 197 -15.86 -32.60 -15.59
N GLU A 198 -15.45 -31.35 -15.68
CA GLU A 198 -15.71 -30.42 -14.57
C GLU A 198 -16.86 -29.48 -14.88
N VAL A 199 -17.47 -28.97 -13.81
CA VAL A 199 -18.64 -28.14 -13.88
C VAL A 199 -18.53 -27.05 -12.82
N THR A 200 -19.26 -25.97 -13.00
CA THR A 200 -19.29 -24.94 -12.00
C THR A 200 -20.66 -24.92 -11.40
N LEU A 201 -20.73 -25.02 -10.08
CA LEU A 201 -22.00 -24.77 -9.39
C LEU A 201 -21.80 -23.49 -8.62
N ARG A 202 -22.56 -22.46 -8.95
CA ARG A 202 -22.44 -21.26 -8.17
C ARG A 202 -23.73 -21.01 -7.39
N CYS A 203 -23.58 -20.46 -6.21
CA CYS A 203 -24.71 -20.28 -5.32
C CYS A 203 -24.98 -18.80 -5.13
N TRP A 204 -26.14 -18.36 -5.58
CA TRP A 204 -26.49 -16.97 -5.55
C TRP A 204 -27.26 -16.58 -4.29
N ALA A 205 -26.81 -15.52 -3.62
CA ALA A 205 -27.66 -14.83 -2.67
C ALA A 205 -28.09 -13.49 -3.23
N LEU A 206 -29.41 -13.33 -3.34
CA LEU A 206 -30.00 -12.11 -3.89
C LEU A 206 -31.03 -11.49 -2.97
N GLY A 207 -31.09 -10.17 -2.99
CA GLY A 207 -32.22 -9.40 -2.44
C GLY A 207 -32.18 -9.14 -0.95
N PHE A 208 -30.99 -9.16 -0.37
CA PHE A 208 -30.90 -9.16 1.09
C PHE A 208 -30.38 -7.85 1.66
N TYR A 209 -30.64 -7.67 2.97
CA TYR A 209 -30.25 -6.47 3.68
C TYR A 209 -30.10 -6.77 5.18
N PRO A 210 -28.99 -6.34 5.80
CA PRO A 210 -27.85 -5.59 5.25
C PRO A 210 -26.83 -6.53 4.65
N ALA A 211 -25.67 -5.99 4.27
CA ALA A 211 -24.77 -6.68 3.35
C ALA A 211 -24.20 -7.94 3.94
N ASP A 212 -23.97 -7.91 5.24
N ASP A 212 -23.94 -7.90 5.23
CA ASP A 212 -23.27 -8.96 5.97
CA ASP A 212 -23.32 -9.01 5.94
C ASP A 212 -23.92 -10.36 5.73
C ASP A 212 -23.96 -10.32 5.55
N ILE A 213 -23.14 -11.32 5.25
CA ILE A 213 -23.70 -12.62 4.87
C ILE A 213 -22.62 -13.70 4.86
N THR A 214 -23.01 -14.95 4.66
CA THR A 214 -22.04 -16.04 4.60
C THR A 214 -22.55 -17.18 3.76
N LEU A 215 -21.72 -17.59 2.80
CA LEU A 215 -22.09 -18.59 1.83
C LEU A 215 -21.10 -19.71 1.98
N THR A 216 -21.59 -20.94 2.02
CA THR A 216 -20.72 -22.09 2.18
C THR A 216 -21.09 -23.28 1.31
N TRP A 217 -20.07 -23.89 0.71
CA TRP A 217 -20.23 -25.12 -0.05
C TRP A 217 -19.76 -26.33 0.75
N GLN A 218 -20.53 -27.41 0.69
CA GLN A 218 -20.23 -28.63 1.40
C GLN A 218 -20.32 -29.82 0.49
N LEU A 219 -19.45 -30.81 0.68
CA LEU A 219 -19.83 -32.16 0.25
C LEU A 219 -20.53 -32.84 1.41
N ASN A 220 -19.76 -33.32 2.39
CA ASN A 220 -20.36 -33.85 3.61
C ASN A 220 -19.76 -33.20 4.84
N GLY A 221 -18.93 -33.97 5.55
CA GLY A 221 -18.02 -33.40 6.54
C GLY A 221 -17.25 -32.32 5.79
N GLU A 222 -17.96 -31.23 5.49
CA GLU A 222 -17.54 -30.15 4.59
C GLU A 222 -16.05 -29.89 4.57
N GLU A 223 -15.44 -30.16 3.44
CA GLU A 223 -13.99 -30.10 3.33
C GLU A 223 -13.50 -28.85 2.63
N LEU A 224 -12.90 -29.05 1.46
CA LEU A 224 -12.23 -27.97 0.76
C LEU A 224 -12.83 -26.62 1.14
N THR A 225 -12.07 -25.58 0.88
CA THR A 225 -12.37 -24.26 1.37
C THR A 225 -11.19 -23.42 0.93
N GLN A 226 -10.40 -23.98 0.02
CA GLN A 226 -9.30 -23.28 -0.63
C GLN A 226 -9.73 -22.85 -2.02
N ASP A 227 -10.54 -23.69 -2.66
CA ASP A 227 -10.88 -23.59 -4.07
C ASP A 227 -12.20 -22.84 -4.32
N MET A 228 -12.94 -22.58 -3.25
CA MET A 228 -14.22 -21.87 -3.39
C MET A 228 -14.07 -20.49 -4.01
N GLU A 229 -14.72 -20.26 -5.14
CA GLU A 229 -14.69 -18.93 -5.73
C GLU A 229 -15.78 -18.01 -5.15
N LEU A 230 -15.39 -16.77 -4.94
CA LEU A 230 -16.14 -15.85 -4.12
C LEU A 230 -16.22 -14.52 -4.85
N VAL A 231 -17.26 -13.76 -4.58
CA VAL A 231 -17.32 -12.39 -5.08
C VAL A 231 -17.59 -11.53 -3.88
N GLU A 232 -17.07 -10.31 -3.91
N GLU A 232 -17.06 -10.31 -3.90
CA GLU A 232 -17.34 -9.38 -2.85
CA GLU A 232 -17.31 -9.34 -2.84
C GLU A 232 -18.84 -9.09 -2.84
C GLU A 232 -18.78 -8.92 -2.87
N THR A 233 -19.37 -8.64 -1.70
CA THR A 233 -20.80 -8.35 -1.62
C THR A 233 -21.14 -7.09 -2.40
N ARG A 234 -22.18 -7.14 -3.22
CA ARG A 234 -22.44 -6.06 -4.17
C ARG A 234 -23.88 -5.59 -4.07
N PRO A 235 -24.10 -4.29 -4.21
CA PRO A 235 -25.41 -3.70 -4.10
C PRO A 235 -26.25 -3.90 -5.38
N ALA A 236 -27.40 -4.55 -5.26
CA ALA A 236 -28.29 -4.69 -6.41
C ALA A 236 -28.73 -3.33 -6.92
N GLY A 237 -28.58 -2.28 -6.11
CA GLY A 237 -29.01 -0.95 -6.53
C GLY A 237 -30.41 -0.60 -6.08
N ASP A 238 -31.11 -1.55 -5.47
CA ASP A 238 -32.50 -1.29 -5.07
C ASP A 238 -32.69 -1.18 -3.57
N GLY A 239 -31.58 -1.06 -2.83
CA GLY A 239 -31.60 -1.27 -1.39
C GLY A 239 -31.07 -2.65 -1.00
N THR A 240 -31.31 -3.68 -1.80
CA THR A 240 -30.80 -5.01 -1.48
C THR A 240 -29.34 -5.34 -1.93
N PHE A 241 -28.81 -6.46 -1.46
CA PHE A 241 -27.46 -6.83 -1.89
C PHE A 241 -27.47 -8.15 -2.61
N GLN A 242 -26.30 -8.56 -3.10
CA GLN A 242 -26.14 -9.82 -3.80
C GLN A 242 -24.84 -10.43 -3.37
N LYS A 243 -24.65 -11.71 -3.67
CA LYS A 243 -23.34 -12.35 -3.49
C LYS A 243 -23.40 -13.79 -4.00
N TRP A 244 -22.27 -14.30 -4.45
CA TRP A 244 -22.27 -15.68 -4.86
C TRP A 244 -21.00 -16.48 -4.59
N ALA A 245 -21.18 -17.79 -4.46
CA ALA A 245 -20.09 -18.68 -4.14
C ALA A 245 -20.14 -19.82 -5.14
N SER A 246 -18.98 -20.11 -5.72
CA SER A 246 -18.94 -21.13 -6.75
C SER A 246 -17.89 -22.16 -6.42
N VAL A 247 -18.09 -23.38 -6.91
CA VAL A 247 -17.05 -24.37 -6.83
C VAL A 247 -17.00 -25.14 -8.13
N VAL A 248 -15.82 -25.68 -8.44
CA VAL A 248 -15.60 -26.51 -9.63
C VAL A 248 -15.69 -27.99 -9.26
N VAL A 249 -16.40 -28.77 -10.08
CA VAL A 249 -16.92 -30.05 -9.66
C VAL A 249 -16.84 -31.14 -10.76
N PRO A 250 -16.42 -32.37 -10.38
CA PRO A 250 -16.63 -33.56 -11.22
C PRO A 250 -18.09 -33.74 -11.67
N LEU A 251 -18.27 -34.04 -12.96
CA LEU A 251 -19.58 -34.25 -13.58
C LEU A 251 -20.24 -35.53 -13.04
N GLY A 252 -21.53 -35.70 -13.33
CA GLY A 252 -22.30 -36.81 -12.79
C GLY A 252 -22.44 -36.68 -11.28
N LYS A 253 -21.30 -36.81 -10.60
CA LYS A 253 -21.24 -36.64 -9.15
C LYS A 253 -21.52 -35.17 -8.90
N GLU A 254 -22.80 -34.83 -9.01
CA GLU A 254 -23.24 -33.46 -9.06
C GLU A 254 -23.86 -33.07 -7.74
N GLN A 255 -24.58 -34.01 -7.15
CA GLN A 255 -25.46 -33.71 -6.03
C GLN A 255 -24.90 -34.08 -4.65
N ASN A 256 -23.60 -34.36 -4.58
CA ASN A 256 -22.95 -34.54 -3.28
C ASN A 256 -22.58 -33.19 -2.67
N TYR A 257 -22.88 -32.13 -3.41
CA TYR A 257 -22.55 -30.78 -2.96
C TYR A 257 -23.81 -30.01 -2.54
N THR A 258 -23.59 -29.07 -1.63
CA THR A 258 -24.66 -28.44 -0.88
C THR A 258 -24.21 -27.04 -0.48
N CYS A 259 -24.91 -26.02 -0.95
CA CYS A 259 -24.60 -24.65 -0.55
C CYS A 259 -25.46 -24.32 0.65
N ARG A 260 -24.92 -23.46 1.52
CA ARG A 260 -25.62 -23.13 2.75
C ARG A 260 -25.60 -21.60 2.91
N VAL A 261 -26.74 -21.01 3.28
CA VAL A 261 -26.87 -19.56 3.37
C VAL A 261 -27.27 -19.12 4.77
N TYR A 262 -26.64 -18.05 5.24
CA TYR A 262 -26.65 -17.60 6.63
C TYR A 262 -26.82 -16.06 6.67
N HIS A 263 -27.88 -15.56 7.29
CA HIS A 263 -28.14 -14.12 7.29
C HIS A 263 -29.14 -13.76 8.38
N GLU A 264 -28.88 -12.65 9.07
CA GLU A 264 -29.80 -12.16 10.11
C GLU A 264 -31.27 -12.34 9.70
N GLY A 265 -31.62 -11.97 8.47
CA GLY A 265 -32.99 -12.07 7.97
C GLY A 265 -33.66 -13.42 8.19
N LEU A 266 -33.04 -14.47 7.63
CA LEU A 266 -33.50 -15.88 7.70
C LEU A 266 -34.26 -16.33 8.95
N PRO A 267 -35.45 -16.92 8.76
CA PRO A 267 -36.12 -17.57 9.88
C PRO A 267 -35.24 -18.75 10.33
N GLU A 268 -34.63 -19.41 9.34
CA GLU A 268 -33.61 -20.43 9.56
C GLU A 268 -32.65 -20.39 8.39
N PRO A 269 -31.39 -20.79 8.61
CA PRO A 269 -30.40 -20.99 7.54
C PRO A 269 -30.95 -21.57 6.23
N LEU A 270 -30.41 -21.15 5.09
CA LEU A 270 -30.82 -21.73 3.81
C LEU A 270 -30.01 -22.96 3.42
N THR A 271 -30.69 -23.95 2.85
CA THR A 271 -30.01 -25.17 2.41
C THR A 271 -30.44 -25.53 1.01
N LEU A 272 -29.48 -25.64 0.10
CA LEU A 272 -29.83 -25.93 -1.28
C LEU A 272 -28.69 -26.58 -2.07
N ARG A 273 -29.04 -27.11 -3.25
CA ARG A 273 -28.10 -27.72 -4.21
C ARG A 273 -28.69 -27.67 -5.61
N TRP A 274 -27.94 -28.17 -6.60
CA TRP A 274 -28.35 -28.04 -8.01
C TRP A 274 -29.66 -28.75 -8.37
N GLU A 275 -30.48 -28.05 -9.15
CA GLU A 275 -31.83 -28.50 -9.53
C GLU A 275 -32.84 -28.01 -8.50
N ILE B 1 -1.53 7.78 -2.19
CA ILE B 1 -2.03 8.88 -3.03
C ILE B 1 -3.03 8.35 -4.03
N GLN B 2 -2.70 7.21 -4.64
CA GLN B 2 -3.54 6.59 -5.67
C GLN B 2 -3.87 5.14 -5.43
N LYS B 3 -5.15 4.80 -5.57
CA LYS B 3 -5.55 3.40 -5.52
C LYS B 3 -6.44 2.94 -6.69
N THR B 4 -6.26 1.68 -7.09
CA THR B 4 -6.87 1.11 -8.30
C THR B 4 -8.32 0.64 -8.15
N PRO B 5 -9.19 1.18 -8.99
CA PRO B 5 -10.58 0.80 -9.05
C PRO B 5 -10.75 -0.71 -9.18
N GLN B 6 -11.57 -1.27 -8.30
CA GLN B 6 -12.11 -2.59 -8.53
C GLN B 6 -13.44 -2.44 -9.25
N ILE B 7 -13.72 -3.31 -10.20
CA ILE B 7 -14.96 -3.18 -10.94
C ILE B 7 -15.79 -4.46 -10.93
N GLN B 8 -17.09 -4.30 -10.65
CA GLN B 8 -18.03 -5.39 -10.81
C GLN B 8 -19.17 -5.01 -11.74
N VAL B 9 -19.50 -5.91 -12.66
CA VAL B 9 -20.52 -5.65 -13.64
C VAL B 9 -21.50 -6.82 -13.53
N TYR B 10 -22.79 -6.52 -13.37
CA TYR B 10 -23.79 -7.52 -13.01
C TYR B 10 -25.20 -6.95 -13.07
N SER B 11 -26.16 -7.81 -13.39
CA SER B 11 -27.56 -7.40 -13.46
C SER B 11 -28.15 -7.23 -12.06
N ARG B 12 -29.20 -6.42 -11.95
CA ARG B 12 -29.88 -6.23 -10.68
C ARG B 12 -30.68 -7.47 -10.33
N HIS B 13 -31.29 -8.05 -11.33
CA HIS B 13 -32.03 -9.31 -11.16
C HIS B 13 -31.36 -10.35 -12.06
N PRO B 14 -31.62 -11.65 -11.81
CA PRO B 14 -31.10 -12.68 -12.71
C PRO B 14 -31.67 -12.43 -14.09
N PRO B 15 -30.81 -12.45 -15.12
CA PRO B 15 -31.22 -12.10 -16.47
C PRO B 15 -32.14 -13.12 -17.14
N GLU B 16 -33.09 -12.59 -17.92
CA GLU B 16 -33.87 -13.38 -18.87
C GLU B 16 -33.86 -12.63 -20.20
N ASN B 17 -33.46 -13.29 -21.27
CA ASN B 17 -33.47 -12.60 -22.54
C ASN B 17 -34.87 -12.05 -22.78
N GLY B 18 -34.95 -10.78 -23.18
CA GLY B 18 -36.22 -10.14 -23.42
C GLY B 18 -36.74 -9.33 -22.25
N LYS B 19 -36.43 -9.75 -21.03
CA LYS B 19 -36.97 -9.08 -19.84
C LYS B 19 -36.13 -7.85 -19.47
N PRO B 20 -36.73 -6.65 -19.55
CA PRO B 20 -35.98 -5.49 -19.07
C PRO B 20 -35.42 -5.73 -17.66
N ASN B 21 -34.31 -5.03 -17.35
CA ASN B 21 -33.47 -5.30 -16.18
C ASN B 21 -32.63 -4.04 -16.00
N ILE B 22 -31.87 -3.98 -14.91
CA ILE B 22 -30.92 -2.88 -14.68
C ILE B 22 -29.55 -3.55 -14.67
N LEU B 23 -28.59 -2.94 -15.37
CA LEU B 23 -27.22 -3.47 -15.34
C LEU B 23 -26.37 -2.56 -14.48
N ASN B 24 -25.57 -3.16 -13.58
CA ASN B 24 -24.71 -2.38 -12.68
C ASN B 24 -23.24 -2.42 -13.01
N CYS B 25 -22.63 -1.25 -12.90
CA CYS B 25 -21.19 -1.16 -12.85
C CYS B 25 -20.83 -0.58 -11.49
N TYR B 26 -20.17 -1.39 -10.68
CA TYR B 26 -19.90 -1.03 -9.30
C TYR B 26 -18.40 -0.89 -9.06
N VAL B 27 -17.97 0.30 -8.66
CA VAL B 27 -16.54 0.61 -8.61
C VAL B 27 -16.09 1.06 -7.22
N THR B 28 -14.99 0.50 -6.74
CA THR B 28 -14.66 0.61 -5.33
C THR B 28 -13.16 0.69 -5.18
N GLN B 29 -12.74 1.04 -3.97
CA GLN B 29 -11.34 1.13 -3.60
C GLN B 29 -10.52 2.09 -4.44
N PHE B 30 -11.10 3.20 -4.87
CA PHE B 30 -10.31 4.15 -5.62
C PHE B 30 -10.02 5.45 -4.86
N HIS B 31 -8.95 6.13 -5.29
CA HIS B 31 -8.61 7.47 -4.86
C HIS B 31 -7.65 7.99 -5.92
N PRO B 32 -7.82 9.24 -6.35
CA PRO B 32 -8.77 10.25 -5.92
C PRO B 32 -10.22 10.05 -6.42
N PRO B 33 -11.16 10.85 -5.92
CA PRO B 33 -12.54 10.55 -6.23
C PRO B 33 -12.90 10.84 -7.67
N HIS B 34 -12.13 11.68 -8.35
N HIS B 34 -12.11 11.67 -8.34
CA HIS B 34 -12.44 11.94 -9.74
CA HIS B 34 -12.31 11.92 -9.76
C HIS B 34 -12.30 10.63 -10.53
C HIS B 34 -12.29 10.60 -10.52
N ILE B 35 -13.37 10.30 -11.23
CA ILE B 35 -13.45 9.09 -12.01
C ILE B 35 -14.48 9.28 -13.12
N GLU B 36 -14.28 8.61 -14.24
CA GLU B 36 -15.26 8.61 -15.31
C GLU B 36 -15.62 7.15 -15.59
N ILE B 37 -16.91 6.85 -15.55
CA ILE B 37 -17.36 5.50 -15.76
C ILE B 37 -18.28 5.50 -16.95
N GLN B 38 -17.90 4.72 -17.94
CA GLN B 38 -18.74 4.56 -19.09
C GLN B 38 -19.32 3.18 -19.00
N MET B 39 -20.45 2.99 -19.67
CA MET B 39 -20.97 1.65 -19.85
C MET B 39 -21.26 1.43 -21.31
N LEU B 40 -20.87 0.27 -21.83
CA LEU B 40 -20.99 -0.01 -23.26
C LEU B 40 -21.96 -1.14 -23.66
N LYS B 41 -22.67 -0.91 -24.75
CA LYS B 41 -23.41 -1.94 -25.46
C LYS B 41 -22.72 -2.15 -26.80
N ASN B 42 -22.25 -3.38 -27.03
CA ASN B 42 -21.40 -3.67 -28.17
C ASN B 42 -20.49 -2.52 -28.58
N GLY B 43 -19.50 -2.18 -27.76
CA GLY B 43 -18.49 -1.18 -28.13
C GLY B 43 -19.07 0.17 -28.49
N LYS B 44 -20.30 0.42 -28.07
CA LYS B 44 -20.84 1.75 -28.16
C LYS B 44 -21.18 2.25 -26.77
N LYS B 45 -20.65 3.42 -26.43
CA LYS B 45 -21.02 4.13 -25.21
C LYS B 45 -22.53 4.22 -25.10
N ILE B 46 -23.07 3.90 -23.93
CA ILE B 46 -24.51 4.05 -23.65
C ILE B 46 -24.78 5.40 -23.01
N PRO B 47 -25.67 6.22 -23.59
CA PRO B 47 -25.93 7.48 -22.89
C PRO B 47 -27.04 7.19 -21.88
N LYS B 48 -27.43 8.17 -21.10
CA LYS B 48 -28.28 7.91 -19.95
C LYS B 48 -27.82 6.66 -19.20
N VAL B 49 -26.73 6.87 -18.47
CA VAL B 49 -26.18 5.95 -17.52
C VAL B 49 -26.28 6.74 -16.23
N GLU B 50 -26.97 6.18 -15.24
CA GLU B 50 -27.13 6.84 -13.95
C GLU B 50 -25.92 6.63 -13.03
N MET B 51 -25.52 7.68 -12.32
CA MET B 51 -24.48 7.59 -11.29
C MET B 51 -25.08 7.82 -9.93
N SER B 52 -24.62 7.07 -8.91
CA SER B 52 -25.01 7.40 -7.55
C SER B 52 -24.16 8.57 -7.01
N ASP B 53 -24.51 9.08 -5.84
CA ASP B 53 -23.70 10.11 -5.21
C ASP B 53 -22.50 9.39 -4.65
N MET B 54 -21.39 10.10 -4.47
CA MET B 54 -20.17 9.39 -4.06
C MET B 54 -20.05 9.20 -2.55
N SER B 55 -19.46 8.08 -2.17
CA SER B 55 -19.25 7.77 -0.79
C SER B 55 -17.83 7.30 -0.61
N PHE B 56 -17.33 7.36 0.61
CA PHE B 56 -16.08 6.69 0.87
C PHE B 56 -16.23 5.74 2.01
N SER B 57 -15.34 4.77 2.10
CA SER B 57 -15.48 3.75 3.12
C SER B 57 -14.50 4.06 4.24
N LYS B 58 -14.46 3.21 5.25
CA LYS B 58 -13.58 3.47 6.39
C LYS B 58 -12.09 3.45 6.06
N ASP B 59 -11.67 2.92 4.92
CA ASP B 59 -10.26 3.07 4.53
C ASP B 59 -10.02 4.34 3.68
N TRP B 60 -10.98 5.25 3.71
CA TRP B 60 -10.93 6.52 2.97
C TRP B 60 -11.14 6.39 1.47
N SER B 61 -11.18 5.16 0.97
CA SER B 61 -11.29 4.96 -0.47
C SER B 61 -12.73 5.17 -0.90
N PHE B 62 -12.93 5.59 -2.14
CA PHE B 62 -14.26 5.90 -2.63
C PHE B 62 -14.89 4.74 -3.34
N TYR B 63 -16.22 4.71 -3.36
CA TYR B 63 -16.97 3.72 -4.15
C TYR B 63 -18.16 4.42 -4.76
N ILE B 64 -18.71 3.86 -5.84
CA ILE B 64 -19.79 4.50 -6.55
C ILE B 64 -20.52 3.44 -7.36
N LEU B 65 -21.82 3.62 -7.57
CA LEU B 65 -22.54 2.68 -8.42
C LEU B 65 -23.15 3.35 -9.65
N ALA B 66 -22.68 2.93 -10.82
CA ALA B 66 -23.28 3.44 -12.02
C ALA B 66 -24.17 2.34 -12.53
N HIS B 67 -25.27 2.72 -13.14
CA HIS B 67 -26.21 1.71 -13.65
C HIS B 67 -27.01 2.26 -14.81
N THR B 68 -27.74 1.39 -15.52
CA THR B 68 -28.47 1.75 -16.73
C THR B 68 -29.49 0.66 -16.99
N GLU B 69 -30.57 1.00 -17.67
CA GLU B 69 -31.58 0.02 -18.01
C GLU B 69 -31.08 -0.78 -19.19
N PHE B 70 -31.22 -2.10 -19.12
CA PHE B 70 -30.85 -2.89 -20.26
C PHE B 70 -31.78 -4.08 -20.39
N THR B 71 -31.81 -4.62 -21.59
CA THR B 71 -32.66 -5.72 -21.88
C THR B 71 -31.75 -6.74 -22.52
N PRO B 72 -31.45 -7.82 -21.78
CA PRO B 72 -30.56 -8.88 -22.19
C PRO B 72 -31.11 -9.58 -23.42
N THR B 73 -30.19 -10.14 -24.22
CA THR B 73 -30.53 -10.98 -25.37
C THR B 73 -29.45 -12.03 -25.49
N GLU B 74 -29.61 -12.97 -26.42
CA GLU B 74 -28.55 -13.93 -26.71
C GLU B 74 -27.27 -13.18 -27.02
N THR B 75 -27.36 -12.24 -27.95
CA THR B 75 -26.19 -11.82 -28.71
C THR B 75 -25.52 -10.52 -28.29
N ASP B 76 -26.24 -9.64 -27.63
CA ASP B 76 -25.63 -8.38 -27.28
C ASP B 76 -24.60 -8.56 -26.19
N THR B 77 -23.61 -7.68 -26.19
CA THR B 77 -22.60 -7.68 -25.16
C THR B 77 -22.59 -6.34 -24.46
N TYR B 78 -22.32 -6.39 -23.16
CA TYR B 78 -22.30 -5.20 -22.33
C TYR B 78 -20.98 -5.18 -21.58
N ALA B 79 -20.51 -3.98 -21.31
CA ALA B 79 -19.27 -3.83 -20.61
C ALA B 79 -19.28 -2.49 -19.91
N CYS B 80 -18.36 -2.36 -18.97
CA CYS B 80 -18.20 -1.15 -18.21
C CYS B 80 -16.76 -0.68 -18.47
N ARG B 81 -16.59 0.59 -18.85
CA ARG B 81 -15.23 1.12 -19.07
C ARG B 81 -14.97 2.23 -18.09
N VAL B 82 -13.89 2.09 -17.32
CA VAL B 82 -13.57 3.04 -16.28
C VAL B 82 -12.27 3.77 -16.64
N LYS B 83 -12.29 5.10 -16.56
CA LYS B 83 -11.10 5.91 -16.74
C LYS B 83 -10.68 6.52 -15.40
N HIS B 84 -9.43 6.30 -14.99
CA HIS B 84 -9.01 6.81 -13.67
C HIS B 84 -7.51 7.16 -13.62
N ASP B 85 -7.23 8.35 -13.11
CA ASP B 85 -5.90 8.84 -12.81
C ASP B 85 -4.88 7.76 -12.39
N SER B 86 -5.33 6.72 -11.69
CA SER B 86 -4.40 5.74 -11.15
C SER B 86 -4.09 4.66 -12.16
N MET B 87 -4.53 4.84 -13.39
CA MET B 87 -4.39 3.79 -14.39
C MET B 87 -4.03 4.44 -15.72
N ALA B 88 -3.00 3.93 -16.39
CA ALA B 88 -2.55 4.51 -17.67
C ALA B 88 -3.58 4.39 -18.76
N GLU B 89 -4.30 3.28 -18.79
CA GLU B 89 -5.34 3.08 -19.78
C GLU B 89 -6.64 2.77 -19.06
N PRO B 90 -7.78 3.11 -19.68
CA PRO B 90 -9.09 2.84 -19.08
C PRO B 90 -9.29 1.34 -18.98
N LYS B 91 -9.91 0.86 -17.90
CA LYS B 91 -10.11 -0.59 -17.69
C LYS B 91 -11.52 -0.97 -18.10
N THR B 92 -11.63 -2.02 -18.92
CA THR B 92 -12.95 -2.42 -19.37
C THR B 92 -13.32 -3.79 -18.81
N VAL B 93 -14.50 -3.88 -18.22
CA VAL B 93 -14.94 -5.18 -17.70
C VAL B 93 -16.21 -5.60 -18.40
N TYR B 94 -16.22 -6.80 -18.95
CA TYR B 94 -17.36 -7.29 -19.69
C TYR B 94 -18.39 -7.79 -18.71
N TRP B 95 -19.66 -7.79 -19.12
CA TRP B 95 -20.69 -8.37 -18.30
C TRP B 95 -20.76 -9.85 -18.66
N ASP B 96 -20.84 -10.72 -17.67
CA ASP B 96 -21.07 -12.16 -17.89
C ASP B 96 -22.29 -12.58 -17.08
N ARG B 97 -23.35 -12.97 -17.79
CA ARG B 97 -24.64 -13.21 -17.16
C ARG B 97 -24.54 -14.30 -16.13
N ASP B 98 -23.49 -15.11 -16.21
CA ASP B 98 -23.27 -16.19 -15.24
C ASP B 98 -22.68 -15.69 -13.94
N MET B 99 -22.17 -14.46 -13.95
CA MET B 99 -21.48 -13.95 -12.78
C MET B 99 -22.11 -12.71 -12.21
N ALA C 1 -26.71 15.72 14.51
CA ALA C 1 -26.31 17.00 13.89
C ALA C 1 -24.83 17.03 13.65
N SER C 2 -24.42 17.73 12.61
CA SER C 2 -23.02 17.76 12.26
C SER C 2 -22.20 18.58 13.28
N ASN C 3 -20.89 18.50 13.15
CA ASN C 3 -20.04 19.27 14.00
C ASN C 3 -19.40 20.37 13.18
N GLU C 4 -19.11 21.49 13.79
CA GLU C 4 -18.28 22.46 13.11
C GLU C 4 -16.89 22.33 13.73
N ASN C 5 -15.93 22.09 12.87
CA ASN C 5 -14.53 22.13 13.25
C ASN C 5 -14.13 23.42 13.95
N ALA C 6 -13.00 23.34 14.66
CA ALA C 6 -12.40 24.46 15.33
C ALA C 6 -11.21 24.95 14.54
N GLU C 7 -10.05 24.94 15.18
CA GLU C 7 -8.82 25.33 14.54
C GLU C 7 -8.60 24.61 13.20
N THR C 8 -8.24 25.37 12.18
CA THR C 8 -7.88 24.80 10.90
C THR C 8 -6.53 24.08 11.06
N MET C 9 -6.13 23.34 10.03
CA MET C 9 -4.91 22.55 10.07
C MET C 9 -3.71 23.42 9.78
N GLY D 1 21.78 -20.12 -12.71
CA GLY D 1 22.24 -20.03 -14.13
C GLY D 1 22.42 -18.62 -14.66
N PRO D 2 21.31 -17.83 -14.71
CA PRO D 2 21.36 -16.47 -15.23
C PRO D 2 22.51 -15.62 -14.68
N HIS D 3 22.58 -14.40 -15.19
CA HIS D 3 23.59 -13.44 -14.83
C HIS D 3 23.02 -12.13 -15.28
N SER D 4 23.43 -11.05 -14.63
CA SER D 4 22.84 -9.80 -14.97
C SER D 4 23.69 -8.66 -14.56
N MET D 5 23.59 -7.58 -15.31
CA MET D 5 24.22 -6.35 -14.88
C MET D 5 23.10 -5.34 -14.77
N ARG D 6 23.17 -4.47 -13.78
CA ARG D 6 22.14 -3.48 -13.63
C ARG D 6 22.74 -2.20 -13.09
N TYR D 7 22.19 -1.06 -13.48
CA TYR D 7 22.60 0.22 -12.89
C TYR D 7 21.43 0.89 -12.15
N PHE D 8 21.66 1.23 -10.88
CA PHE D 8 20.66 1.85 -10.01
C PHE D 8 21.04 3.32 -9.83
N GLU D 9 20.25 4.23 -10.39
CA GLU D 9 20.52 5.65 -10.37
C GLU D 9 19.46 6.42 -9.58
N THR D 10 19.89 7.39 -8.78
CA THR D 10 19.02 8.23 -7.98
C THR D 10 19.34 9.71 -8.12
N ALA D 11 18.32 10.55 -8.29
CA ALA D 11 18.54 12.00 -8.17
C ALA D 11 17.58 12.58 -7.17
N VAL D 12 18.10 13.37 -6.23
CA VAL D 12 17.28 14.02 -5.23
C VAL D 12 17.34 15.53 -5.37
N SER D 13 16.18 16.18 -5.45
CA SER D 13 16.13 17.64 -5.45
C SER D 13 16.60 18.16 -4.11
N ARG D 14 17.26 19.32 -4.19
CA ARG D 14 17.70 20.09 -3.04
C ARG D 14 17.13 21.52 -3.13
N PRO D 15 16.20 21.88 -2.22
CA PRO D 15 15.51 23.20 -2.14
C PRO D 15 16.43 24.42 -2.34
N GLY D 16 16.13 25.21 -3.36
CA GLY D 16 17.00 26.30 -3.78
C GLY D 16 18.18 25.72 -4.55
N LEU D 17 19.04 25.00 -3.84
CA LEU D 17 20.30 24.46 -4.38
C LEU D 17 20.21 24.07 -5.86
N GLU D 18 20.65 25.01 -6.71
CA GLU D 18 20.64 24.89 -8.18
C GLU D 18 20.91 23.47 -8.75
N GLU D 19 21.61 22.65 -7.98
CA GLU D 19 21.93 21.27 -8.37
C GLU D 19 21.39 20.22 -7.37
N PRO D 20 20.82 19.12 -7.88
CA PRO D 20 20.43 17.97 -7.07
C PRO D 20 21.51 16.91 -6.95
N ARG D 21 21.48 16.20 -5.83
CA ARG D 21 22.37 15.10 -5.60
C ARG D 21 22.01 14.03 -6.60
N TYR D 22 23.05 13.40 -7.15
CA TYR D 22 22.89 12.32 -8.12
C TYR D 22 23.74 11.13 -7.70
N ILE D 23 23.15 9.94 -7.74
CA ILE D 23 23.91 8.76 -7.40
C ILE D 23 23.69 7.64 -8.39
N SER D 24 24.75 6.92 -8.72
CA SER D 24 24.66 5.79 -9.61
C SER D 24 25.53 4.69 -9.04
N VAL D 25 24.99 3.47 -9.02
CA VAL D 25 25.64 2.31 -8.45
C VAL D 25 25.46 1.11 -9.39
N GLY D 26 26.55 0.45 -9.74
CA GLY D 26 26.50 -0.69 -10.66
C GLY D 26 26.56 -2.05 -9.99
N TYR D 27 25.74 -2.98 -10.47
CA TYR D 27 25.64 -4.31 -9.89
C TYR D 27 25.89 -5.38 -10.95
N VAL D 28 26.77 -6.32 -10.65
CA VAL D 28 26.88 -7.54 -11.45
C VAL D 28 26.41 -8.71 -10.58
N ASP D 29 25.29 -9.31 -10.94
CA ASP D 29 24.72 -10.37 -10.11
C ASP D 29 24.60 -9.91 -8.67
N ASN D 30 23.76 -8.90 -8.48
CA ASN D 30 23.46 -8.35 -7.17
C ASN D 30 24.68 -7.91 -6.33
N LYS D 31 25.88 -7.96 -6.87
CA LYS D 31 27.04 -7.41 -6.18
C LYS D 31 27.38 -5.98 -6.66
N GLU D 32 27.60 -5.07 -5.71
CA GLU D 32 27.99 -3.70 -6.06
C GLU D 32 29.43 -3.69 -6.57
N PHE D 33 29.67 -3.06 -7.72
CA PHE D 33 31.01 -3.04 -8.35
C PHE D 33 31.48 -1.68 -8.87
N VAL D 34 30.56 -0.75 -9.09
CA VAL D 34 30.95 0.67 -9.24
C VAL D 34 29.92 1.58 -8.62
N ARG D 35 30.34 2.79 -8.30
CA ARG D 35 29.45 3.79 -7.75
C ARG D 35 29.97 5.21 -8.02
N PHE D 36 29.07 6.12 -8.40
CA PHE D 36 29.41 7.53 -8.64
C PHE D 36 28.50 8.43 -7.80
N ASP D 37 29.07 9.46 -7.16
CA ASP D 37 28.31 10.29 -6.20
C ASP D 37 28.58 11.79 -6.31
N SER D 38 27.56 12.54 -6.68
CA SER D 38 27.60 14.00 -6.74
C SER D 38 28.33 14.59 -5.56
N ASP D 39 28.02 14.12 -4.36
CA ASP D 39 28.44 14.79 -3.14
C ASP D 39 29.92 14.70 -2.87
N ALA D 40 30.60 13.74 -3.51
CA ALA D 40 32.01 13.55 -3.29
C ALA D 40 32.75 14.85 -3.54
N GLU D 41 33.86 15.02 -2.83
CA GLU D 41 34.77 16.16 -3.02
C GLU D 41 35.22 16.24 -4.47
N ASN D 42 35.56 15.07 -5.05
CA ASN D 42 36.01 14.95 -6.43
C ASN D 42 35.25 13.80 -7.07
N PRO D 43 34.00 14.08 -7.50
CA PRO D 43 33.09 12.97 -7.80
C PRO D 43 33.47 12.26 -9.09
N ARG D 44 33.51 10.94 -9.02
CA ARG D 44 33.82 10.11 -10.17
C ARG D 44 33.35 8.69 -9.91
N TYR D 45 33.16 7.91 -10.97
CA TYR D 45 32.90 6.49 -10.77
C TYR D 45 34.09 5.91 -10.05
N GLU D 46 33.82 4.96 -9.16
CA GLU D 46 34.85 4.47 -8.27
C GLU D 46 34.69 2.97 -8.13
N PRO D 47 35.78 2.22 -8.22
CA PRO D 47 35.69 0.76 -8.06
C PRO D 47 35.05 0.35 -6.74
N ARG D 48 34.32 -0.76 -6.74
CA ARG D 48 33.63 -1.22 -5.55
C ARG D 48 33.58 -2.75 -5.47
N ALA D 49 34.25 -3.41 -6.40
CA ALA D 49 34.61 -4.82 -6.21
C ALA D 49 36.10 -4.86 -6.51
N PRO D 50 36.82 -5.86 -5.96
CA PRO D 50 38.22 -6.04 -6.30
C PRO D 50 38.50 -6.02 -7.80
N TRP D 51 37.73 -6.82 -8.53
CA TRP D 51 38.03 -7.09 -9.95
C TRP D 51 37.80 -5.94 -10.91
N MET D 52 37.40 -4.78 -10.42
CA MET D 52 37.29 -3.59 -11.26
C MET D 52 38.55 -2.77 -11.18
N GLU D 53 39.49 -3.22 -10.34
CA GLU D 53 40.71 -2.47 -10.12
C GLU D 53 41.65 -2.56 -11.32
N GLN D 54 41.40 -3.52 -12.20
CA GLN D 54 42.17 -3.58 -13.43
C GLN D 54 41.89 -2.44 -14.39
N GLU D 55 40.63 -2.27 -14.82
CA GLU D 55 40.27 -1.17 -15.76
C GLU D 55 41.11 0.07 -15.53
N GLY D 56 41.83 0.47 -16.58
CA GLY D 56 42.70 1.64 -16.52
C GLY D 56 41.97 2.96 -16.44
N PRO D 57 42.72 4.06 -16.51
CA PRO D 57 42.16 5.39 -16.30
C PRO D 57 41.20 5.74 -17.41
N GLU D 58 41.39 5.11 -18.57
CA GLU D 58 40.55 5.43 -19.72
C GLU D 58 39.06 5.21 -19.36
N TYR D 59 38.79 4.08 -18.70
CA TYR D 59 37.44 3.63 -18.34
C TYR D 59 36.79 4.57 -17.35
N TRP D 60 37.54 5.00 -16.37
CA TRP D 60 36.96 5.74 -15.28
C TRP D 60 36.55 7.13 -15.75
N GLU D 61 37.33 7.70 -16.65
CA GLU D 61 37.06 9.06 -17.05
C GLU D 61 35.87 9.10 -17.98
N ARG D 62 35.74 8.05 -18.78
CA ARG D 62 34.61 7.91 -19.71
C ARG D 62 33.32 7.66 -18.94
N GLU D 63 33.41 6.80 -17.93
CA GLU D 63 32.23 6.50 -17.12
C GLU D 63 31.87 7.75 -16.32
N THR D 64 32.87 8.46 -15.86
CA THR D 64 32.62 9.70 -15.16
C THR D 64 31.99 10.71 -16.09
N GLN D 65 32.51 10.84 -17.31
CA GLN D 65 31.87 11.77 -18.28
C GLN D 65 30.39 11.41 -18.49
N LYS D 66 30.06 10.11 -18.55
CA LYS D 66 28.65 9.71 -18.64
C LYS D 66 27.79 10.21 -17.44
N ALA D 67 28.32 10.11 -16.21
CA ALA D 67 27.51 10.49 -15.07
C ALA D 67 27.30 11.98 -15.10
N LYS D 68 28.30 12.73 -15.49
CA LYS D 68 28.11 14.18 -15.68
C LYS D 68 26.87 14.44 -16.54
N GLY D 69 26.74 13.71 -17.63
CA GLY D 69 25.57 13.83 -18.49
C GLY D 69 24.29 13.41 -17.81
N GLN D 70 24.29 12.30 -17.10
CA GLN D 70 23.12 11.84 -16.39
C GLN D 70 22.59 12.84 -15.37
N GLU D 71 23.50 13.38 -14.57
CA GLU D 71 23.21 14.48 -13.67
C GLU D 71 22.28 15.52 -14.30
N GLN D 72 22.66 16.06 -15.45
CA GLN D 72 21.84 17.05 -16.09
C GLN D 72 20.52 16.45 -16.56
N TRP D 73 20.58 15.26 -17.13
CA TRP D 73 19.36 14.63 -17.59
C TRP D 73 18.40 14.58 -16.42
N PHE D 74 18.91 14.21 -15.26
CA PHE D 74 18.10 14.11 -14.06
C PHE D 74 17.70 15.46 -13.52
N ARG D 75 18.64 16.40 -13.55
CA ARG D 75 18.33 17.78 -13.23
C ARG D 75 17.09 18.17 -14.01
N VAL D 76 17.13 17.97 -15.32
CA VAL D 76 16.04 18.46 -16.16
C VAL D 76 14.73 17.68 -15.98
N SER D 77 14.80 16.35 -16.07
CA SER D 77 13.59 15.56 -15.93
C SER D 77 12.91 15.87 -14.62
N LEU D 78 13.74 16.02 -13.59
CA LEU D 78 13.30 16.35 -12.23
C LEU D 78 12.48 17.63 -12.24
N ARG D 79 12.94 18.62 -13.02
CA ARG D 79 12.20 19.87 -13.19
C ARG D 79 10.96 19.63 -14.03
N ASN D 80 11.05 18.75 -15.00
CA ASN D 80 9.87 18.50 -15.80
C ASN D 80 8.71 17.85 -15.06
N LEU D 81 9.02 16.98 -14.10
CA LEU D 81 7.94 16.35 -13.32
C LEU D 81 7.25 17.29 -12.36
N LEU D 82 8.01 18.25 -11.85
CA LEU D 82 7.45 19.28 -10.99
C LEU D 82 6.22 19.85 -11.63
N GLY D 83 6.30 20.13 -12.93
CA GLY D 83 5.20 20.70 -13.69
C GLY D 83 4.12 19.66 -13.88
N TYR D 84 4.51 18.44 -14.22
CA TYR D 84 3.53 17.41 -14.51
C TYR D 84 2.66 17.20 -13.29
N TYR D 85 3.27 17.30 -12.11
CA TYR D 85 2.55 17.04 -10.88
C TYR D 85 2.27 18.33 -10.11
N ASN D 86 2.47 19.48 -10.73
CA ASN D 86 2.02 20.69 -10.07
C ASN D 86 2.76 20.97 -8.78
N GLN D 87 3.91 20.34 -8.60
CA GLN D 87 4.69 20.55 -7.39
C GLN D 87 5.51 21.80 -7.53
N SER D 88 5.71 22.51 -6.44
CA SER D 88 6.48 23.73 -6.50
C SER D 88 7.97 23.45 -6.26
N ALA D 89 8.82 24.41 -6.59
CA ALA D 89 10.23 24.33 -6.23
C ALA D 89 10.29 24.47 -4.72
N GLY D 90 11.50 24.35 -4.14
CA GLY D 90 11.64 24.46 -2.69
C GLY D 90 11.14 23.19 -1.99
N GLY D 91 10.97 22.13 -2.77
CA GLY D 91 10.57 20.84 -2.22
C GLY D 91 11.59 19.74 -2.49
N SER D 92 11.48 18.66 -1.72
CA SER D 92 12.33 17.51 -1.91
C SER D 92 11.66 16.59 -2.91
N HIS D 93 12.40 16.14 -3.92
CA HIS D 93 11.86 15.18 -4.86
C HIS D 93 12.89 14.15 -5.28
N THR D 94 12.43 12.93 -5.54
CA THR D 94 13.31 11.86 -5.89
C THR D 94 12.94 11.19 -7.21
N LEU D 95 13.95 11.00 -8.04
CA LEU D 95 13.78 10.29 -9.29
C LEU D 95 14.79 9.16 -9.27
N GLN D 96 14.32 7.94 -9.53
CA GLN D 96 15.18 6.76 -9.51
C GLN D 96 15.07 5.94 -10.77
N GLN D 97 16.16 5.30 -11.19
CA GLN D 97 16.21 4.56 -12.46
C GLN D 97 16.86 3.20 -12.26
N MET D 98 16.24 2.15 -12.78
CA MET D 98 16.90 0.87 -12.80
C MET D 98 17.02 0.49 -14.26
N SER D 99 18.21 0.14 -14.72
CA SER D 99 18.38 -0.29 -16.11
C SER D 99 19.47 -1.33 -16.25
N GLY D 100 19.36 -2.18 -17.27
CA GLY D 100 20.37 -3.16 -17.54
C GLY D 100 19.82 -4.44 -18.15
N CYS D 101 20.66 -5.48 -18.17
CA CYS D 101 20.39 -6.64 -18.98
C CYS D 101 20.56 -7.94 -18.24
N ASP D 102 19.74 -8.92 -18.59
CA ASP D 102 19.89 -10.27 -18.05
C ASP D 102 20.42 -11.23 -19.10
N LEU D 103 21.44 -11.99 -18.75
CA LEU D 103 21.89 -13.07 -19.63
C LEU D 103 21.26 -14.37 -19.17
N GLY D 104 20.77 -15.15 -20.14
CA GLY D 104 20.25 -16.50 -19.86
C GLY D 104 21.33 -17.56 -19.64
N SER D 105 20.91 -18.81 -19.45
CA SER D 105 21.84 -19.90 -19.17
C SER D 105 22.75 -20.16 -20.35
N ASP D 106 22.27 -19.80 -21.54
CA ASP D 106 23.06 -19.86 -22.76
C ASP D 106 23.94 -18.63 -22.92
N TRP D 107 23.98 -17.77 -21.91
CA TRP D 107 24.80 -16.55 -21.99
C TRP D 107 24.39 -15.57 -23.11
N ARG D 108 23.18 -15.73 -23.63
CA ARG D 108 22.58 -14.76 -24.54
C ARG D 108 21.63 -13.84 -23.75
N LEU D 109 21.42 -12.64 -24.28
CA LEU D 109 20.49 -11.72 -23.68
C LEU D 109 19.14 -12.41 -23.41
N LEU D 110 18.70 -12.40 -22.15
CA LEU D 110 17.43 -13.02 -21.78
C LEU D 110 16.34 -11.98 -21.77
N ARG D 111 16.69 -10.79 -21.29
CA ARG D 111 15.84 -9.61 -21.47
C ARG D 111 16.55 -8.33 -21.02
N GLY D 112 16.04 -7.20 -21.46
CA GLY D 112 16.54 -5.89 -21.03
C GLY D 112 15.61 -5.21 -20.04
N TYR D 113 16.14 -4.24 -19.30
CA TYR D 113 15.35 -3.55 -18.29
C TYR D 113 15.60 -2.08 -18.36
N LEU D 114 14.52 -1.33 -18.18
CA LEU D 114 14.63 0.09 -18.03
C LEU D 114 13.36 0.52 -17.34
N GLN D 115 13.43 0.77 -16.03
CA GLN D 115 12.28 1.24 -15.27
C GLN D 115 12.65 2.57 -14.64
N PHE D 116 11.64 3.42 -14.44
CA PHE D 116 11.84 4.65 -13.70
C PHE D 116 10.79 4.71 -12.61
N ALA D 117 11.12 5.46 -11.55
CA ALA D 117 10.21 5.73 -10.44
C ALA D 117 10.29 7.21 -10.05
N TYR D 118 9.15 7.79 -9.71
CA TYR D 118 9.15 9.14 -9.20
C TYR D 118 8.50 9.16 -7.83
N GLU D 119 9.21 9.80 -6.89
CA GLU D 119 8.83 9.78 -5.49
C GLU D 119 8.51 8.37 -5.00
N GLY D 120 9.30 7.39 -5.42
CA GLY D 120 9.20 6.03 -4.88
C GLY D 120 8.16 5.16 -5.55
N ARG D 121 7.43 5.74 -6.50
CA ARG D 121 6.33 5.05 -7.18
C ARG D 121 6.67 4.75 -8.65
N ASP D 122 6.41 3.52 -9.10
CA ASP D 122 6.60 3.18 -10.50
C ASP D 122 6.03 4.32 -11.34
N TYR D 123 6.77 4.71 -12.37
CA TYR D 123 6.37 5.83 -13.21
C TYR D 123 6.32 5.32 -14.64
N ILE D 124 7.44 4.90 -15.19
CA ILE D 124 7.43 4.37 -16.53
C ILE D 124 8.50 3.35 -16.75
N ALA D 125 8.15 2.34 -17.54
CA ALA D 125 9.01 1.20 -17.79
C ALA D 125 9.02 0.88 -19.29
N LEU D 126 10.13 0.34 -19.78
CA LEU D 126 10.18 -0.16 -21.15
C LEU D 126 9.69 -1.61 -21.12
N ASN D 127 8.77 -1.95 -22.03
CA ASN D 127 8.26 -3.30 -22.11
C ASN D 127 9.38 -4.24 -22.51
N GLU D 128 9.15 -5.55 -22.46
CA GLU D 128 10.17 -6.52 -22.88
C GLU D 128 10.52 -6.41 -24.38
N ASP D 129 9.61 -5.87 -25.18
CA ASP D 129 9.88 -5.71 -26.62
C ASP D 129 10.96 -4.66 -26.90
N LEU D 130 11.42 -3.99 -25.86
CA LEU D 130 12.39 -2.90 -26.04
C LEU D 130 12.01 -1.92 -27.15
N LYS D 131 10.72 -1.72 -27.40
CA LYS D 131 10.27 -0.65 -28.31
C LYS D 131 9.12 0.17 -27.75
N THR D 132 8.39 -0.39 -26.79
CA THR D 132 7.17 0.25 -26.29
C THR D 132 7.11 0.37 -24.76
N TRP D 133 6.42 1.38 -24.26
CA TRP D 133 6.43 1.65 -22.83
C TRP D 133 5.13 1.39 -22.06
N THR D 134 5.29 1.03 -20.79
CA THR D 134 4.18 1.04 -19.87
C THR D 134 4.32 2.26 -18.98
N ALA D 135 3.30 3.11 -18.99
CA ALA D 135 3.27 4.24 -18.09
C ALA D 135 2.53 3.76 -16.88
N ALA D 136 2.86 4.30 -15.72
CA ALA D 136 2.22 3.82 -14.50
C ALA D 136 0.86 4.43 -14.27
N ASP D 137 0.63 5.64 -14.78
CA ASP D 137 -0.67 6.27 -14.64
C ASP D 137 -0.80 7.43 -15.59
N MET D 138 -1.78 8.29 -15.32
CA MET D 138 -2.10 9.46 -16.13
C MET D 138 -0.85 10.29 -16.42
N ALA D 139 -0.19 10.73 -15.34
CA ALA D 139 0.91 11.67 -15.43
C ALA D 139 1.98 11.16 -16.39
N ALA D 140 2.28 9.87 -16.27
CA ALA D 140 3.36 9.27 -17.06
C ALA D 140 3.05 9.22 -18.56
N GLN D 141 1.78 9.41 -18.92
CA GLN D 141 1.46 9.49 -20.34
C GLN D 141 2.16 10.67 -21.01
N ILE D 142 2.20 11.84 -20.38
CA ILE D 142 2.93 12.94 -20.98
C ILE D 142 4.38 12.55 -21.33
N THR D 143 5.00 11.68 -20.53
CA THR D 143 6.32 11.13 -20.88
C THR D 143 6.22 9.99 -21.92
N ARG D 144 5.29 9.06 -21.70
CA ARG D 144 5.09 7.95 -22.64
C ARG D 144 4.87 8.46 -24.06
N ARG D 145 4.08 9.52 -24.18
N ARG D 145 4.06 9.50 -24.21
CA ARG D 145 3.74 10.11 -25.46
CA ARG D 145 3.78 10.05 -25.52
C ARG D 145 5.00 10.61 -26.15
C ARG D 145 5.04 10.60 -26.17
N LYS D 146 5.67 11.58 -25.54
CA LYS D 146 6.81 12.22 -26.16
C LYS D 146 7.99 11.29 -26.40
N TRP D 147 8.09 10.22 -25.62
CA TRP D 147 9.18 9.28 -25.83
C TRP D 147 8.83 8.40 -27.04
N GLU D 148 7.58 7.96 -27.13
CA GLU D 148 7.11 7.32 -28.38
C GLU D 148 7.33 8.23 -29.57
N GLN D 149 7.04 9.53 -29.42
CA GLN D 149 7.27 10.49 -30.53
C GLN D 149 8.73 10.61 -30.94
N SER D 150 9.63 10.49 -29.98
CA SER D 150 11.05 10.68 -30.24
C SER D 150 11.70 9.33 -30.55
N GLY D 151 10.91 8.27 -30.42
CA GLY D 151 11.40 6.90 -30.62
C GLY D 151 12.59 6.72 -29.69
N ALA D 152 12.44 7.21 -28.47
CA ALA D 152 13.48 7.11 -27.45
C ALA D 152 13.87 5.65 -27.20
N ALA D 153 12.88 4.76 -27.28
CA ALA D 153 13.11 3.35 -27.08
C ALA D 153 14.27 2.78 -27.90
N GLU D 154 14.40 3.20 -29.15
CA GLU D 154 15.48 2.70 -30.03
C GLU D 154 16.82 2.82 -29.33
N HIS D 155 17.07 3.98 -28.71
CA HIS D 155 18.40 4.18 -28.11
C HIS D 155 18.72 3.26 -26.92
N TYR D 156 17.74 2.98 -26.05
CA TYR D 156 18.03 2.06 -24.94
C TYR D 156 18.12 0.64 -25.48
N LYS D 157 17.30 0.32 -26.48
CA LYS D 157 17.33 -0.99 -27.09
C LYS D 157 18.75 -1.34 -27.53
N ALA D 158 19.41 -0.39 -28.20
CA ALA D 158 20.76 -0.60 -28.70
C ALA D 158 21.76 -0.80 -27.55
N TYR D 159 21.65 0.02 -26.50
CA TYR D 159 22.46 -0.15 -25.31
C TYR D 159 22.20 -1.52 -24.67
N LEU D 160 20.94 -1.83 -24.46
CA LEU D 160 20.58 -3.04 -23.75
C LEU D 160 21.09 -4.28 -24.46
N GLU D 161 21.00 -4.31 -25.79
CA GLU D 161 21.42 -5.50 -26.50
C GLU D 161 22.85 -5.43 -26.98
N GLY D 162 23.48 -4.27 -26.86
CA GLY D 162 24.85 -4.13 -27.30
C GLY D 162 25.81 -4.04 -26.14
N GLU D 163 26.22 -2.80 -25.84
CA GLU D 163 27.12 -2.48 -24.75
C GLU D 163 26.82 -3.28 -23.49
N CYS D 164 25.60 -3.20 -23.00
CA CYS D 164 25.24 -3.90 -21.77
C CYS D 164 25.76 -5.33 -21.79
N VAL D 165 25.33 -6.07 -22.80
CA VAL D 165 25.72 -7.46 -22.95
C VAL D 165 27.24 -7.61 -23.10
N GLU D 166 27.84 -6.70 -23.85
N GLU D 166 27.85 -6.66 -23.77
CA GLU D 166 29.26 -6.71 -24.04
CA GLU D 166 29.28 -6.74 -24.07
C GLU D 166 29.95 -6.77 -22.67
C GLU D 166 30.16 -6.61 -22.81
N TRP D 167 29.79 -5.69 -21.91
CA TRP D 167 30.54 -5.48 -20.69
C TRP D 167 30.23 -6.47 -19.57
N LEU D 168 28.99 -6.92 -19.47
CA LEU D 168 28.69 -8.02 -18.56
C LEU D 168 29.63 -9.19 -18.85
N HIS D 169 29.69 -9.64 -20.10
CA HIS D 169 30.67 -10.70 -20.43
C HIS D 169 32.04 -10.29 -19.96
N ARG D 170 32.41 -9.03 -20.21
CA ARG D 170 33.74 -8.58 -19.80
C ARG D 170 33.98 -8.72 -18.28
N TYR D 171 33.08 -8.14 -17.49
CA TYR D 171 33.16 -8.18 -16.04
C TYR D 171 33.11 -9.59 -15.51
N LEU D 172 32.30 -10.42 -16.14
CA LEU D 172 32.08 -11.76 -15.64
C LEU D 172 33.34 -12.54 -15.88
N LYS D 173 34.16 -12.03 -16.80
CA LYS D 173 35.41 -12.69 -17.13
C LYS D 173 36.46 -12.31 -16.10
N ASN D 174 36.44 -11.05 -15.66
CA ASN D 174 37.40 -10.60 -14.65
C ASN D 174 36.99 -10.91 -13.22
N GLY D 175 35.75 -11.30 -12.99
CA GLY D 175 35.29 -11.58 -11.64
C GLY D 175 34.49 -12.85 -11.50
N ASN D 176 34.81 -13.84 -12.32
CA ASN D 176 34.00 -15.05 -12.43
C ASN D 176 33.95 -15.85 -11.14
N ALA D 177 35.14 -16.24 -10.68
CA ALA D 177 35.28 -17.04 -9.47
C ALA D 177 34.93 -16.26 -8.19
N THR D 178 35.25 -14.98 -8.17
CA THR D 178 34.89 -14.14 -7.02
C THR D 178 33.38 -14.08 -6.84
N LEU D 179 32.65 -14.08 -7.95
CA LEU D 179 31.20 -13.96 -7.89
C LEU D 179 30.49 -15.22 -7.41
N LEU D 180 30.93 -16.38 -7.91
CA LEU D 180 30.32 -17.67 -7.51
C LEU D 180 30.49 -17.89 -6.02
N ARG D 181 30.97 -16.83 -5.38
CA ARG D 181 31.25 -16.73 -3.97
C ARG D 181 30.14 -17.31 -3.08
N THR D 182 30.54 -18.04 -2.05
CA THR D 182 29.61 -18.45 -1.00
C THR D 182 30.30 -18.63 0.34
N ASP D 183 29.74 -18.01 1.38
CA ASP D 183 30.10 -18.36 2.73
C ASP D 183 28.85 -19.00 3.32
N SER D 184 29.05 -20.15 3.91
CA SER D 184 27.94 -20.90 4.39
C SER D 184 27.59 -20.34 5.75
N PRO D 185 26.37 -20.60 6.22
CA PRO D 185 26.03 -20.15 7.56
C PRO D 185 26.66 -21.03 8.62
N LYS D 186 27.03 -20.42 9.74
CA LYS D 186 27.35 -21.13 10.95
C LYS D 186 26.18 -20.93 11.90
N ALA D 187 25.59 -22.03 12.36
CA ALA D 187 24.35 -21.94 13.13
C ALA D 187 24.50 -22.31 14.61
N HIS D 188 23.48 -21.99 15.37
CA HIS D 188 23.45 -22.32 16.79
C HIS D 188 22.08 -21.91 17.32
N VAL D 189 21.69 -22.48 18.46
CA VAL D 189 20.38 -22.21 19.05
C VAL D 189 20.61 -21.55 20.39
N THR D 190 19.89 -20.46 20.67
CA THR D 190 19.94 -19.92 22.03
C THR D 190 18.66 -20.23 22.75
N HIS D 191 18.72 -20.06 24.06
CA HIS D 191 17.69 -20.52 24.94
C HIS D 191 17.21 -19.35 25.79
N HIS D 192 15.91 -19.07 25.77
CA HIS D 192 15.37 -17.96 26.54
C HIS D 192 14.03 -18.23 27.20
N PRO D 193 13.92 -17.91 28.48
CA PRO D 193 12.63 -17.98 29.14
C PRO D 193 11.64 -17.14 28.37
N ARG D 194 10.35 -17.44 28.51
CA ARG D 194 9.31 -16.53 28.06
C ARG D 194 8.42 -16.19 29.25
N SER D 195 7.31 -16.90 29.35
CA SER D 195 6.46 -16.83 30.54
C SER D 195 6.70 -18.05 31.42
N LYS D 196 5.62 -18.51 32.05
CA LYS D 196 5.63 -19.60 33.02
C LYS D 196 5.80 -20.94 32.32
N GLY D 197 6.79 -21.73 32.76
CA GLY D 197 6.99 -23.10 32.28
C GLY D 197 7.08 -23.24 30.76
N GLU D 198 7.50 -22.16 30.11
CA GLU D 198 7.67 -22.14 28.66
C GLU D 198 8.83 -21.23 28.18
N VAL D 199 9.47 -21.67 27.11
CA VAL D 199 10.77 -21.15 26.72
C VAL D 199 10.78 -20.75 25.23
N THR D 200 11.72 -19.88 24.85
CA THR D 200 11.90 -19.48 23.46
C THR D 200 13.25 -20.01 22.97
N LEU D 201 13.21 -20.94 22.03
CA LEU D 201 14.46 -21.41 21.42
C LEU D 201 14.60 -20.66 20.12
N ARG D 202 15.66 -19.87 20.03
CA ARG D 202 15.91 -19.04 18.85
C ARG D 202 17.03 -19.66 18.00
N CYS D 203 16.77 -19.79 16.70
CA CYS D 203 17.73 -20.42 15.80
C CYS D 203 18.48 -19.38 15.01
N TRP D 204 19.79 -19.39 15.12
CA TRP D 204 20.59 -18.33 14.57
C TRP D 204 21.41 -18.75 13.37
N ALA D 205 21.33 -17.96 12.30
CA ALA D 205 22.25 -18.16 11.20
C ALA D 205 23.18 -16.96 11.07
N LEU D 206 24.49 -17.23 11.09
CA LEU D 206 25.51 -16.18 11.11
C LEU D 206 26.65 -16.42 10.11
N GLY D 207 27.14 -15.33 9.52
CA GLY D 207 28.34 -15.35 8.72
C GLY D 207 28.12 -15.88 7.31
N PHE D 208 26.90 -15.79 6.81
CA PHE D 208 26.62 -16.44 5.52
C PHE D 208 26.56 -15.46 4.37
N TYR D 209 26.86 -15.99 3.18
CA TYR D 209 26.80 -15.21 1.96
C TYR D 209 26.46 -16.10 0.78
N PRO D 210 25.59 -15.64 -0.13
CA PRO D 210 24.86 -14.37 -0.09
C PRO D 210 23.59 -14.43 0.75
N ALA D 211 22.90 -13.31 0.82
CA ALA D 211 21.81 -13.08 1.76
C ALA D 211 20.74 -14.17 1.76
N ASP D 212 20.46 -14.72 0.59
N ASP D 212 20.47 -14.71 0.58
CA ASP D 212 19.36 -15.66 0.41
CA ASP D 212 19.44 -15.75 0.40
C ASP D 212 19.55 -16.94 1.24
C ASP D 212 19.63 -16.92 1.35
N ILE D 213 18.60 -17.18 2.16
CA ILE D 213 18.67 -18.24 3.15
C ILE D 213 17.28 -18.65 3.57
N THR D 214 17.17 -19.79 4.24
CA THR D 214 15.88 -20.24 4.76
C THR D 214 16.01 -21.06 6.03
N LEU D 215 15.35 -20.60 7.07
CA LEU D 215 15.34 -21.28 8.33
C LEU D 215 13.99 -21.90 8.53
N THR D 216 13.99 -23.05 9.19
CA THR D 216 12.76 -23.69 9.56
C THR D 216 12.85 -24.23 10.96
N TRP D 217 11.75 -24.08 11.67
CA TRP D 217 11.58 -24.71 12.95
C TRP D 217 10.60 -25.88 12.82
N GLN D 218 11.00 -27.04 13.31
CA GLN D 218 10.13 -28.19 13.19
C GLN D 218 9.94 -28.90 14.52
N LEU D 219 8.79 -29.53 14.67
CA LEU D 219 8.51 -30.44 15.78
C LEU D 219 8.03 -31.77 15.18
N ASN D 220 8.45 -32.89 15.76
CA ASN D 220 8.04 -34.21 15.28
C ASN D 220 7.02 -34.13 14.13
N GLY D 221 7.12 -35.06 13.18
CA GLY D 221 6.55 -34.81 11.86
C GLY D 221 7.39 -33.61 11.44
N GLU D 222 6.79 -32.42 11.51
CA GLU D 222 7.58 -31.21 11.29
C GLU D 222 6.92 -29.88 11.68
N GLU D 223 5.77 -29.58 11.09
CA GLU D 223 5.37 -28.19 10.86
C GLU D 223 5.09 -27.24 12.04
N LEU D 224 5.76 -26.08 12.01
CA LEU D 224 5.62 -25.07 13.04
C LEU D 224 5.63 -23.66 12.43
N THR D 225 4.55 -23.34 11.71
CA THR D 225 4.49 -22.14 10.86
C THR D 225 3.91 -20.87 11.51
N GLN D 226 2.59 -20.69 11.45
CA GLN D 226 1.92 -19.47 11.95
C GLN D 226 2.08 -19.38 13.47
N ASP D 227 3.34 -19.20 13.89
CA ASP D 227 3.76 -19.65 15.19
C ASP D 227 5.21 -19.25 15.50
N MET D 228 6.04 -19.10 14.47
CA MET D 228 7.49 -18.84 14.67
C MET D 228 7.92 -17.41 14.34
N GLU D 229 8.88 -16.90 15.12
CA GLU D 229 9.29 -15.49 14.99
C GLU D 229 10.49 -15.36 14.07
N LEU D 230 10.30 -14.63 12.98
CA LEU D 230 11.29 -14.54 11.92
C LEU D 230 11.82 -13.11 11.84
N VAL D 231 13.14 -12.93 11.79
CA VAL D 231 13.64 -11.59 11.42
C VAL D 231 14.11 -11.49 9.97
N GLU D 232 13.86 -10.33 9.37
CA GLU D 232 14.39 -9.99 8.08
C GLU D 232 15.91 -10.14 8.14
N THR D 233 16.48 -10.63 7.04
CA THR D 233 17.89 -10.94 6.99
C THR D 233 18.67 -9.65 6.93
N ARG D 234 19.75 -9.58 7.69
CA ARG D 234 20.38 -8.29 7.93
C ARG D 234 21.88 -8.44 7.77
N PRO D 235 22.52 -7.37 7.27
CA PRO D 235 23.94 -7.31 7.02
C PRO D 235 24.69 -7.20 8.36
N ALA D 236 25.70 -8.06 8.57
CA ALA D 236 26.49 -8.05 9.80
C ALA D 236 27.45 -6.87 9.78
N GLY D 237 27.74 -6.40 8.57
CA GLY D 237 28.54 -5.20 8.38
C GLY D 237 29.82 -5.50 7.65
N ASP D 238 30.18 -6.78 7.62
CA ASP D 238 31.50 -7.17 7.22
C ASP D 238 31.50 -7.94 5.91
N GLY D 239 30.41 -7.85 5.15
CA GLY D 239 30.21 -8.72 4.01
C GLY D 239 29.23 -9.85 4.27
N THR D 240 29.22 -10.41 5.48
CA THR D 240 28.32 -11.51 5.78
C THR D 240 26.89 -11.04 6.12
N PHE D 241 25.96 -11.99 6.26
CA PHE D 241 24.59 -11.69 6.58
C PHE D 241 24.21 -12.52 7.78
N GLN D 242 23.09 -12.16 8.39
CA GLN D 242 22.58 -12.85 9.56
C GLN D 242 21.09 -12.91 9.41
N LYS D 243 20.50 -14.00 9.92
CA LYS D 243 19.07 -14.08 10.17
C LYS D 243 18.90 -14.90 11.45
N TRP D 244 17.72 -14.81 12.06
CA TRP D 244 17.33 -15.70 13.14
C TRP D 244 15.84 -16.02 13.17
N ALA D 245 15.50 -17.19 13.72
CA ALA D 245 14.10 -17.58 13.83
C ALA D 245 13.78 -18.34 15.11
N SER D 246 12.67 -17.98 15.74
CA SER D 246 12.39 -18.47 17.08
C SER D 246 11.04 -19.17 17.18
N VAL D 247 10.95 -20.07 18.12
CA VAL D 247 9.68 -20.69 18.42
C VAL D 247 9.46 -20.68 19.94
N VAL D 248 8.20 -20.74 20.36
CA VAL D 248 7.86 -20.80 21.79
C VAL D 248 7.62 -22.23 22.33
N VAL D 249 8.69 -22.90 22.75
CA VAL D 249 8.57 -24.28 23.25
C VAL D 249 8.14 -24.37 24.72
N PRO D 250 7.15 -25.23 25.01
CA PRO D 250 6.79 -25.57 26.39
C PRO D 250 8.00 -26.18 27.11
N LEU D 251 8.45 -25.55 28.18
CA LEU D 251 9.66 -26.01 28.83
C LEU D 251 9.86 -27.51 28.63
N GLY D 252 9.44 -28.30 29.60
CA GLY D 252 9.75 -29.74 29.67
C GLY D 252 10.13 -30.44 28.36
N LYS D 253 9.14 -30.68 27.52
CA LYS D 253 9.34 -31.37 26.25
C LYS D 253 10.15 -30.47 25.30
N GLU D 254 11.44 -30.35 25.61
CA GLU D 254 12.34 -29.37 25.00
C GLU D 254 12.79 -29.76 23.59
N GLN D 255 13.51 -30.88 23.52
CA GLN D 255 14.30 -31.25 22.35
C GLN D 255 13.57 -31.93 21.20
N ASN D 256 12.25 -31.99 21.28
CA ASN D 256 11.47 -32.48 20.15
C ASN D 256 11.52 -31.42 19.04
N TYR D 257 12.33 -30.40 19.28
CA TYR D 257 12.36 -29.22 18.44
C TYR D 257 13.66 -29.09 17.67
N THR D 258 13.53 -29.05 16.36
CA THR D 258 14.70 -29.08 15.51
C THR D 258 14.71 -27.90 14.57
N CYS D 259 15.88 -27.33 14.39
CA CYS D 259 16.06 -26.24 13.47
C CYS D 259 16.71 -26.75 12.19
N ARG D 260 16.21 -26.27 11.06
CA ARG D 260 16.88 -26.54 9.81
C ARG D 260 17.26 -25.22 9.15
N VAL D 261 18.36 -25.27 8.39
CA VAL D 261 18.91 -24.10 7.74
C VAL D 261 19.31 -24.44 6.32
N TYR D 262 18.78 -23.71 5.33
CA TYR D 262 19.17 -23.93 3.92
C TYR D 262 19.85 -22.73 3.30
N HIS D 263 21.01 -22.96 2.70
CA HIS D 263 21.74 -21.90 2.04
C HIS D 263 22.61 -22.51 0.93
N GLU D 264 22.81 -21.80 -0.17
CA GLU D 264 23.48 -22.37 -1.32
C GLU D 264 24.93 -22.77 -1.02
N GLY D 265 25.42 -22.39 0.15
CA GLY D 265 26.80 -22.66 0.49
C GLY D 265 26.95 -24.02 1.13
N LEU D 266 25.89 -24.47 1.80
CA LEU D 266 25.96 -25.74 2.53
C LEU D 266 26.11 -26.95 1.62
N PRO D 267 27.09 -27.83 1.91
CA PRO D 267 27.07 -29.11 1.21
C PRO D 267 25.75 -29.80 1.50
N GLU D 268 25.18 -29.53 2.68
CA GLU D 268 23.88 -30.07 3.05
C GLU D 268 23.25 -29.24 4.14
N PRO D 269 21.91 -29.12 4.11
CA PRO D 269 21.20 -28.31 5.11
C PRO D 269 21.69 -28.63 6.50
N LEU D 270 21.77 -27.63 7.35
CA LEU D 270 22.17 -27.87 8.73
C LEU D 270 20.94 -28.23 9.53
N THR D 271 21.04 -29.34 10.26
CA THR D 271 20.01 -29.77 11.17
C THR D 271 20.56 -29.66 12.58
N LEU D 272 19.80 -29.06 13.50
CA LEU D 272 20.25 -28.94 14.89
C LEU D 272 19.20 -28.41 15.87
N ARG D 273 19.50 -28.52 17.15
CA ARG D 273 18.67 -27.96 18.22
C ARG D 273 19.48 -27.81 19.50
N TRP D 274 18.88 -27.18 20.50
CA TRP D 274 19.58 -26.79 21.72
C TRP D 274 20.30 -27.98 22.37
N GLU D 275 21.62 -27.84 22.56
CA GLU D 275 22.47 -28.85 23.22
C GLU D 275 23.00 -29.95 22.29
N ILE E 1 4.38 8.14 -1.99
CA ILE E 1 5.43 9.19 -1.82
C ILE E 1 6.28 8.94 -0.56
N GLN E 2 5.64 8.34 0.45
CA GLN E 2 6.29 8.13 1.76
C GLN E 2 6.20 6.70 2.25
N LYS E 3 7.33 6.11 2.63
CA LYS E 3 7.30 4.81 3.30
C LYS E 3 8.12 4.70 4.62
N THR E 4 7.59 3.90 5.55
CA THR E 4 8.06 3.89 6.93
C THR E 4 9.30 3.01 7.15
N PRO E 5 10.39 3.62 7.65
CA PRO E 5 11.61 2.92 8.01
C PRO E 5 11.33 1.75 8.94
N GLN E 6 11.78 0.56 8.57
CA GLN E 6 11.94 -0.55 9.52
C GLN E 6 13.33 -0.44 10.12
N ILE E 7 13.47 -0.88 11.36
CA ILE E 7 14.75 -0.77 12.05
C ILE E 7 15.09 -2.02 12.82
N GLN E 8 16.30 -2.51 12.58
CA GLN E 8 16.87 -3.62 13.32
C GLN E 8 18.12 -3.14 14.02
N VAL E 9 18.33 -3.56 15.26
CA VAL E 9 19.46 -3.14 16.04
C VAL E 9 20.04 -4.45 16.58
N TYR E 10 21.33 -4.65 16.41
CA TYR E 10 21.93 -5.97 16.66
C TYR E 10 23.45 -5.94 16.53
N SER E 11 24.10 -6.83 17.27
CA SER E 11 25.56 -6.87 17.26
C SER E 11 26.07 -7.61 16.02
N ARG E 12 27.27 -7.28 15.56
CA ARG E 12 27.87 -7.98 14.43
C ARG E 12 28.22 -9.39 14.84
N HIS E 13 28.64 -9.55 16.09
CA HIS E 13 28.95 -10.84 16.66
C HIS E 13 28.11 -11.07 17.88
N PRO E 14 28.00 -12.35 18.30
CA PRO E 14 27.22 -12.61 19.49
C PRO E 14 27.98 -11.95 20.63
N PRO E 15 27.27 -11.14 21.44
CA PRO E 15 27.80 -10.31 22.52
C PRO E 15 28.46 -11.06 23.64
N GLU E 16 29.57 -10.53 24.13
CA GLU E 16 30.03 -10.92 25.45
C GLU E 16 30.44 -9.66 26.21
N ASN E 17 29.93 -9.53 27.43
CA ASN E 17 30.33 -8.42 28.28
C ASN E 17 31.85 -8.32 28.27
N GLY E 18 32.37 -7.14 27.99
CA GLY E 18 33.80 -6.95 28.02
C GLY E 18 34.48 -7.03 26.66
N LYS E 19 33.90 -7.81 25.76
CA LYS E 19 34.51 -8.00 24.44
C LYS E 19 34.05 -6.96 23.39
N PRO E 20 34.98 -6.15 22.90
CA PRO E 20 34.63 -5.17 21.88
C PRO E 20 33.88 -5.86 20.75
N ASN E 21 33.03 -5.11 20.06
CA ASN E 21 32.09 -5.63 19.07
C ASN E 21 31.63 -4.44 18.24
N ILE E 22 30.77 -4.67 17.25
CA ILE E 22 30.17 -3.56 16.50
C ILE E 22 28.67 -3.67 16.68
N LEU E 23 28.01 -2.53 16.90
CA LEU E 23 26.56 -2.52 16.98
C LEU E 23 25.98 -2.00 15.69
N ASN E 24 24.91 -2.63 15.22
CA ASN E 24 24.34 -2.23 13.97
C ASN E 24 22.93 -1.68 14.09
N CYS E 25 22.67 -0.58 13.39
CA CYS E 25 21.33 -0.10 13.20
C CYS E 25 21.08 -0.20 11.70
N TYR E 26 20.19 -1.11 11.31
CA TYR E 26 19.91 -1.37 9.91
C TYR E 26 18.51 -0.92 9.56
N VAL E 27 18.41 0.02 8.62
CA VAL E 27 17.16 0.71 8.36
C VAL E 27 16.73 0.56 6.89
N THR E 28 15.46 0.23 6.65
CA THR E 28 15.03 -0.25 5.34
C THR E 28 13.63 0.23 5.02
N GLN E 29 13.21 0.02 3.77
CA GLN E 29 11.85 0.30 3.32
C GLN E 29 11.47 1.76 3.46
N PHE E 30 12.43 2.66 3.39
CA PHE E 30 12.02 4.05 3.49
C PHE E 30 12.05 4.82 2.17
N HIS E 31 11.22 5.85 2.11
CA HIS E 31 11.30 6.84 1.06
C HIS E 31 10.67 8.07 1.66
N PRO E 32 11.23 9.26 1.37
CA PRO E 32 12.41 9.59 0.58
C PRO E 32 13.75 9.28 1.26
N PRO E 33 14.83 9.35 0.48
CA PRO E 33 16.06 8.81 1.05
C PRO E 33 16.65 9.72 2.10
N HIS E 34 16.22 10.99 2.19
CA HIS E 34 16.75 11.79 3.30
C HIS E 34 16.34 11.22 4.68
N ILE E 35 17.33 10.92 5.52
CA ILE E 35 17.07 10.32 6.81
C ILE E 35 18.15 10.72 7.80
N GLU E 36 17.81 10.72 9.09
CA GLU E 36 18.78 10.92 10.13
C GLU E 36 18.73 9.73 11.09
N ILE E 37 19.88 9.11 11.30
CA ILE E 37 19.96 7.95 12.16
C ILE E 37 20.93 8.27 13.28
N GLN E 38 20.43 8.31 14.51
CA GLN E 38 21.30 8.46 15.66
C GLN E 38 21.40 7.09 16.32
N MET E 39 22.49 6.87 17.03
CA MET E 39 22.61 5.70 17.90
C MET E 39 22.88 6.17 19.32
N LEU E 40 22.22 5.57 20.28
CA LEU E 40 22.32 6.03 21.65
C LEU E 40 22.97 5.03 22.61
N LYS E 41 23.77 5.56 23.53
CA LYS E 41 24.21 4.81 24.71
C LYS E 41 23.64 5.49 25.93
N ASN E 42 22.78 4.78 26.65
CA ASN E 42 22.07 5.37 27.79
C ASN E 42 21.55 6.79 27.49
N GLY E 43 20.62 6.94 26.56
CA GLY E 43 20.03 8.23 26.28
C GLY E 43 21.04 9.31 25.93
N LYS E 44 22.24 8.90 25.55
CA LYS E 44 23.16 9.87 24.98
C LYS E 44 23.54 9.51 23.56
N LYS E 45 23.30 10.45 22.65
CA LYS E 45 23.75 10.32 21.28
C LYS E 45 25.22 9.97 21.25
N ILE E 46 25.56 8.93 20.48
CA ILE E 46 26.95 8.51 20.28
C ILE E 46 27.57 9.24 19.10
N PRO E 47 28.73 9.89 19.29
CA PRO E 47 29.33 10.47 18.09
C PRO E 47 30.21 9.40 17.48
N LYS E 48 30.80 9.70 16.33
CA LYS E 48 31.40 8.65 15.52
C LYS E 48 30.51 7.40 15.48
N VAL E 49 29.46 7.54 14.68
CA VAL E 49 28.63 6.45 14.20
C VAL E 49 28.92 6.43 12.71
N GLU E 50 29.29 5.26 12.17
CA GLU E 50 29.53 5.16 10.73
C GLU E 50 28.23 4.92 9.93
N MET E 51 28.15 5.53 8.75
CA MET E 51 27.03 5.30 7.84
C MET E 51 27.52 4.69 6.56
N SER E 52 26.85 3.65 6.05
CA SER E 52 27.15 3.19 4.69
C SER E 52 26.69 4.19 3.64
N ASP E 53 27.08 3.94 2.39
CA ASP E 53 26.56 4.71 1.29
C ASP E 53 25.13 4.21 1.08
N MET E 54 24.27 5.03 0.49
CA MET E 54 22.85 4.59 0.40
C MET E 54 22.55 3.73 -0.84
N SER E 55 21.62 2.81 -0.67
CA SER E 55 21.23 1.99 -1.79
C SER E 55 19.73 1.84 -1.81
N PHE E 56 19.17 1.56 -2.97
CA PHE E 56 17.75 1.24 -3.00
C PHE E 56 17.55 -0.21 -3.42
N SER E 57 16.41 -0.78 -3.08
CA SER E 57 16.19 -2.15 -3.55
C SER E 57 15.19 -2.11 -4.68
N LYS E 58 14.74 -3.30 -5.08
CA LYS E 58 13.94 -3.44 -6.27
C LYS E 58 12.59 -2.72 -6.16
N ASP E 59 12.06 -2.57 -4.95
CA ASP E 59 10.82 -1.81 -4.77
C ASP E 59 11.03 -0.29 -4.73
N TRP E 60 12.23 0.14 -5.14
CA TRP E 60 12.63 1.58 -5.10
C TRP E 60 12.93 2.13 -3.70
N SER E 61 12.65 1.34 -2.66
CA SER E 61 12.80 1.80 -1.30
C SER E 61 14.26 1.77 -0.89
N PHE E 62 14.67 2.72 -0.06
CA PHE E 62 16.06 2.85 0.33
C PHE E 62 16.37 2.04 1.58
N TYR E 63 17.65 1.79 1.78
CA TYR E 63 18.08 1.09 2.97
C TYR E 63 19.50 1.48 3.23
N ILE E 64 19.92 1.41 4.48
CA ILE E 64 21.23 1.90 4.85
C ILE E 64 21.66 1.23 6.15
N LEU E 65 22.96 1.17 6.37
CA LEU E 65 23.45 0.56 7.60
C LEU E 65 24.35 1.49 8.42
N ALA E 66 23.85 1.88 9.57
CA ALA E 66 24.60 2.67 10.49
C ALA E 66 25.20 1.68 11.49
N HIS E 67 26.41 1.97 11.93
CA HIS E 67 27.04 1.14 12.93
C HIS E 67 28.10 1.90 13.72
N THR E 68 28.52 1.32 14.83
CA THR E 68 29.45 1.97 15.74
C THR E 68 30.10 0.90 16.59
N GLU E 69 31.27 1.18 17.14
CA GLU E 69 31.94 0.21 17.98
C GLU E 69 31.38 0.29 19.38
N PHE E 70 31.07 -0.86 19.97
CA PHE E 70 30.65 -0.85 21.34
C PHE E 70 31.18 -2.05 22.05
N THR E 71 31.25 -1.95 23.37
CA THR E 71 31.62 -3.06 24.20
C THR E 71 30.45 -3.27 25.12
N PRO E 72 29.85 -4.46 25.07
CA PRO E 72 28.66 -4.72 25.86
C PRO E 72 29.04 -4.91 27.32
N THR E 73 28.11 -4.56 28.21
CA THR E 73 28.25 -4.81 29.65
C THR E 73 26.92 -5.34 30.14
N GLU E 74 26.84 -5.73 31.42
CA GLU E 74 25.53 -6.11 31.94
C GLU E 74 24.58 -4.92 31.88
N THR E 75 25.06 -3.74 32.26
CA THR E 75 24.11 -2.68 32.59
C THR E 75 23.89 -1.55 31.55
N ASP E 76 24.83 -1.34 30.65
CA ASP E 76 24.62 -0.31 29.64
C ASP E 76 23.46 -0.65 28.70
N THR E 77 22.76 0.36 28.21
CA THR E 77 21.75 0.12 27.20
C THR E 77 22.05 0.91 25.92
N TYR E 78 21.61 0.34 24.81
CA TYR E 78 21.91 0.86 23.52
C TYR E 78 20.64 1.01 22.68
N ALA E 79 20.57 2.06 21.89
CA ALA E 79 19.37 2.29 21.11
C ALA E 79 19.75 2.96 19.81
N CYS E 80 18.86 2.85 18.82
CA CYS E 80 18.98 3.59 17.59
C CYS E 80 17.75 4.48 17.48
N ARG E 81 17.96 5.74 17.10
CA ARG E 81 16.83 6.66 16.98
C ARG E 81 16.85 7.16 15.57
N VAL E 82 15.73 7.00 14.88
CA VAL E 82 15.65 7.43 13.49
C VAL E 82 14.62 8.51 13.38
N LYS E 83 14.97 9.57 12.68
CA LYS E 83 14.06 10.67 12.38
C LYS E 83 13.81 10.67 10.87
N HIS E 84 12.54 10.66 10.47
CA HIS E 84 12.23 10.63 9.05
C HIS E 84 10.94 11.33 8.66
N ASP E 85 10.99 11.96 7.50
CA ASP E 85 9.88 12.67 6.93
C ASP E 85 8.54 11.92 7.05
N SER E 86 8.58 10.59 7.00
CA SER E 86 7.32 9.81 7.00
C SER E 86 6.77 9.49 8.36
N MET E 87 7.32 10.11 9.38
CA MET E 87 6.99 9.79 10.78
C MET E 87 6.89 11.08 11.56
N ALA E 88 5.85 11.22 12.38
CA ALA E 88 5.64 12.47 13.11
C ALA E 88 6.68 12.63 14.20
N GLU E 89 7.06 11.51 14.79
CA GLU E 89 8.05 11.47 15.87
C GLU E 89 9.21 10.52 15.52
N PRO E 90 10.39 10.74 16.10
CA PRO E 90 11.54 9.89 15.81
C PRO E 90 11.24 8.50 16.37
N LYS E 91 11.71 7.46 15.69
CA LYS E 91 11.42 6.09 16.16
C LYS E 91 12.65 5.58 16.86
N THR E 92 12.53 5.23 18.13
CA THR E 92 13.65 4.61 18.80
C THR E 92 13.48 3.10 18.90
N VAL E 93 14.53 2.33 18.61
CA VAL E 93 14.49 0.90 18.92
C VAL E 93 15.69 0.57 19.76
N TYR E 94 15.44 -0.20 20.79
CA TYR E 94 16.45 -0.53 21.77
C TYR E 94 17.16 -1.76 21.29
N TRP E 95 18.39 -1.93 21.73
CA TRP E 95 19.09 -3.15 21.40
C TRP E 95 18.73 -4.18 22.44
N ASP E 96 18.60 -5.42 22.03
CA ASP E 96 18.30 -6.51 22.94
C ASP E 96 19.24 -7.65 22.57
N ARG E 97 20.13 -7.99 23.50
CA ARG E 97 21.24 -8.88 23.21
C ARG E 97 20.77 -10.25 22.74
N ASP E 98 19.55 -10.59 23.11
CA ASP E 98 18.98 -11.89 22.75
C ASP E 98 18.46 -11.90 21.34
N MET E 99 18.37 -10.73 20.72
CA MET E 99 17.74 -10.66 19.40
C MET E 99 18.66 -10.10 18.33
N ALA F 1 29.40 -1.15 -18.05
CA ALA F 1 29.39 0.26 -18.50
C ALA F 1 27.99 0.83 -18.40
N SER F 2 27.84 2.04 -17.88
CA SER F 2 26.54 2.70 -17.78
C SER F 2 26.02 3.19 -19.14
N ASN F 3 24.81 3.78 -19.11
CA ASN F 3 24.17 4.27 -20.31
C ASN F 3 23.85 5.75 -20.21
N GLU F 4 23.92 6.47 -21.34
CA GLU F 4 23.42 7.83 -21.42
C GLU F 4 21.93 7.77 -21.70
N ASN F 5 21.15 8.50 -20.91
CA ASN F 5 19.74 8.65 -21.17
C ASN F 5 19.49 9.45 -22.46
N ALA F 6 18.26 9.34 -22.97
CA ALA F 6 17.81 10.04 -24.17
C ALA F 6 16.98 11.30 -23.87
N GLU F 7 15.73 11.31 -24.33
CA GLU F 7 14.88 12.47 -24.05
C GLU F 7 14.57 12.61 -22.57
N THR F 8 14.62 13.83 -22.09
CA THR F 8 14.26 14.09 -20.71
C THR F 8 12.80 13.72 -20.59
N MET F 9 12.35 13.48 -19.37
CA MET F 9 10.94 13.15 -19.14
C MET F 9 9.98 14.31 -19.39
#